data_5U7D
#
_entry.id   5U7D
#
_cell.length_a   167.256
_cell.length_b   74.369
_cell.length_c   91.641
_cell.angle_alpha   90.000
_cell.angle_beta   110.330
_cell.angle_gamma   90.000
#
_symmetry.space_group_name_H-M   'C 1 2 1'
#
loop_
_entity.id
_entity.type
_entity.pdbx_description
1 polymer "cGMP-dependent 3',5'-cyclic phosphodiesterase"
2 non-polymer 2-(3,4-dimethoxybenzyl)-7-[(2R,3R)-2-hydroxy-6-phenylhexan-3-yl]-5-methylimidazo[5,1-f][1,2,4]triazin-4(3H)-one
3 non-polymer 'ZINC ION'
4 non-polymer 'MAGNESIUM ION'
5 water water
#
_entity_poly.entity_id   1
_entity_poly.type   'polypeptide(L)'
_entity_poly.pdbx_seq_one_letter_code
;GSAMDDEYTKLLHDGIQPVAAIDSNFASFTYTPRSLPEDDTSMAILSMLQDMNFINNYKIDCPTLARFCLMVKKGYRDPP
YHNWMHAFSVSHFCYLLYKNLELTNYLEDIEIFALFISCMCHDLDHRGTNNSFQVASKSVLAALYSSEGSVMERHHFAQA
IAILNTHGCNIFDHFSRKDYQRMLDLMRDIILATDLAHHLRIFKDLQKMAEVGYDRNNKQHHRLLLCLLMTSCDLSDQTK
GWKTTRKIAELIYKEFFSQGDLEKAMGNRPMEMMDREKAYIPELQISFMEHIAMPIYKLLQDLFPKAAELYERVASNREH
WTKVSHKFTIRGLPSNNSLDFLDEE
;
_entity_poly.pdbx_strand_id   A,B,C
#
# COMPACT_ATOMS: atom_id res chain seq x y z
N ASP A 5 16.42 -7.27 -13.15
CA ASP A 5 15.33 -7.55 -14.08
C ASP A 5 15.77 -7.63 -15.54
N ASP A 6 15.49 -8.78 -16.17
CA ASP A 6 15.86 -9.01 -17.56
C ASP A 6 14.90 -8.35 -18.58
N GLU A 7 13.68 -7.99 -18.14
CA GLU A 7 12.71 -7.27 -18.97
C GLU A 7 13.31 -5.88 -19.35
N TYR A 8 13.96 -5.23 -18.36
CA TYR A 8 14.64 -3.97 -18.57
C TYR A 8 15.83 -4.13 -19.53
N THR A 9 16.61 -5.18 -19.33
CA THR A 9 17.78 -5.48 -20.16
C THR A 9 17.39 -5.51 -21.64
N LYS A 10 16.33 -6.26 -21.96
CA LYS A 10 15.84 -6.38 -23.34
C LYS A 10 15.29 -5.10 -23.92
N LEU A 11 14.50 -4.33 -23.15
CA LEU A 11 13.95 -3.07 -23.59
C LEU A 11 15.05 -2.09 -23.95
N LEU A 12 16.14 -2.09 -23.16
CA LEU A 12 17.31 -1.22 -23.30
C LEU A 12 18.29 -1.59 -24.41
N HIS A 13 18.60 -2.89 -24.55
CA HIS A 13 19.66 -3.32 -25.47
C HIS A 13 19.18 -3.89 -26.81
N ASP A 14 17.91 -4.34 -26.91
CA ASP A 14 17.45 -5.00 -28.14
C ASP A 14 17.09 -4.05 -29.30
N GLY A 15 16.82 -2.79 -29.01
CA GLY A 15 16.42 -1.79 -29.99
C GLY A 15 14.90 -1.64 -30.02
N ILE A 16 14.37 -0.46 -30.38
CA ILE A 16 12.91 -0.21 -30.43
C ILE A 16 12.37 -0.82 -31.73
N GLN A 17 11.57 -1.87 -31.61
CA GLN A 17 11.05 -2.58 -32.79
C GLN A 17 10.13 -1.66 -33.65
N PRO A 18 10.14 -1.71 -35.00
CA PRO A 18 9.19 -0.89 -35.77
C PRO A 18 7.76 -1.37 -35.51
N VAL A 19 6.78 -0.41 -35.38
CA VAL A 19 5.36 -0.73 -35.14
C VAL A 19 4.77 -1.75 -36.10
N ALA A 20 5.13 -1.67 -37.39
CA ALA A 20 4.62 -2.59 -38.43
C ALA A 20 4.96 -4.06 -38.12
N ALA A 21 6.09 -4.31 -37.42
CA ALA A 21 6.52 -5.67 -37.08
C ALA A 21 5.67 -6.28 -35.97
N ILE A 22 4.90 -5.45 -35.24
CA ILE A 22 4.04 -5.95 -34.17
C ILE A 22 2.85 -6.69 -34.79
N ASP A 23 2.17 -6.03 -35.75
CA ASP A 23 0.99 -6.56 -36.44
C ASP A 23 0.70 -5.69 -37.64
N SER A 24 0.32 -6.28 -38.77
CA SER A 24 0.02 -5.52 -40.00
C SER A 24 -1.18 -4.57 -39.82
N ASN A 25 -2.06 -4.90 -38.86
CA ASN A 25 -3.28 -4.13 -38.56
C ASN A 25 -3.13 -3.29 -37.26
N PHE A 26 -1.91 -3.18 -36.69
CA PHE A 26 -1.66 -2.45 -35.43
C PHE A 26 -2.19 -1.00 -35.38
N ALA A 27 -2.12 -0.26 -36.50
CA ALA A 27 -2.57 1.15 -36.49
C ALA A 27 -4.04 1.32 -36.95
N SER A 28 -4.84 0.24 -36.98
CA SER A 28 -6.24 0.27 -37.42
C SER A 28 -7.22 0.26 -36.26
N PHE A 29 -8.37 0.94 -36.42
CA PHE A 29 -9.44 0.92 -35.40
C PHE A 29 -10.01 -0.50 -35.19
N THR A 30 -9.75 -1.43 -36.12
CA THR A 30 -10.25 -2.82 -35.98
C THR A 30 -9.31 -3.65 -35.09
N TYR A 31 -8.09 -3.17 -34.84
CA TYR A 31 -7.13 -3.91 -34.00
C TYR A 31 -7.57 -3.98 -32.54
N THR A 32 -7.39 -5.15 -31.93
CA THR A 32 -7.72 -5.35 -30.52
C THR A 32 -6.42 -5.44 -29.71
N PRO A 33 -5.97 -4.35 -29.04
CA PRO A 33 -4.67 -4.40 -28.34
C PRO A 33 -4.56 -5.46 -27.27
N ARG A 34 -5.69 -5.92 -26.72
CA ARG A 34 -5.71 -7.02 -25.74
C ARG A 34 -5.21 -8.34 -26.32
N SER A 35 -5.15 -8.47 -27.67
N SER A 35 -5.16 -8.48 -27.67
CA SER A 35 -4.63 -9.66 -28.35
CA SER A 35 -4.63 -9.68 -28.33
C SER A 35 -3.10 -9.75 -28.21
C SER A 35 -3.10 -9.74 -28.22
N LEU A 36 -2.44 -8.60 -27.95
CA LEU A 36 -1.00 -8.56 -27.82
C LEU A 36 -0.57 -9.21 -26.49
N PRO A 37 0.36 -10.21 -26.50
CA PRO A 37 0.82 -10.79 -25.22
C PRO A 37 1.32 -9.70 -24.27
N GLU A 38 0.98 -9.83 -22.99
CA GLU A 38 1.37 -8.83 -21.98
C GLU A 38 2.89 -8.58 -21.95
N ASP A 39 3.70 -9.62 -22.19
CA ASP A 39 5.16 -9.48 -22.20
C ASP A 39 5.70 -8.63 -23.34
N ASP A 40 4.89 -8.36 -24.39
CA ASP A 40 5.28 -7.55 -25.54
C ASP A 40 4.75 -6.08 -25.43
N THR A 41 3.93 -5.76 -24.42
CA THR A 41 3.30 -4.44 -24.30
C THR A 41 4.29 -3.30 -24.02
N SER A 42 5.32 -3.51 -23.17
CA SER A 42 6.28 -2.44 -22.89
C SER A 42 7.06 -2.06 -24.15
N MET A 43 7.48 -3.07 -24.95
CA MET A 43 8.15 -2.76 -26.20
C MET A 43 7.16 -2.03 -27.15
N ALA A 44 5.89 -2.46 -27.19
CA ALA A 44 4.86 -1.79 -28.00
C ALA A 44 4.68 -0.31 -27.64
N ILE A 45 4.76 0.04 -26.33
CA ILE A 45 4.65 1.45 -25.88
C ILE A 45 5.82 2.24 -26.52
N LEU A 46 7.08 1.72 -26.42
CA LEU A 46 8.26 2.36 -27.04
C LEU A 46 8.03 2.51 -28.52
N SER A 47 7.52 1.44 -29.18
CA SER A 47 7.28 1.45 -30.63
C SER A 47 6.28 2.55 -31.03
N MET A 48 5.22 2.74 -30.27
CA MET A 48 4.19 3.76 -30.53
C MET A 48 4.77 5.16 -30.32
N LEU A 49 5.55 5.35 -29.25
CA LEU A 49 6.19 6.66 -28.97
C LEU A 49 7.17 7.01 -30.08
N GLN A 50 7.93 6.03 -30.56
CA GLN A 50 8.86 6.23 -31.67
C GLN A 50 8.11 6.55 -32.97
N ASP A 51 7.01 5.81 -33.24
CA ASP A 51 6.22 6.02 -34.47
C ASP A 51 5.54 7.41 -34.51
N MET A 52 5.15 7.93 -33.33
CA MET A 52 4.58 9.29 -33.17
C MET A 52 5.70 10.34 -33.15
N ASN A 53 6.98 9.85 -33.19
N ASN A 53 6.99 9.89 -33.22
CA ASN A 53 8.26 10.56 -33.18
CA ASN A 53 8.18 10.77 -33.26
C ASN A 53 8.46 11.46 -31.96
C ASN A 53 8.47 11.49 -31.95
N PHE A 54 7.82 11.11 -30.81
CA PHE A 54 7.98 11.86 -29.54
C PHE A 54 9.34 11.69 -28.91
N ILE A 55 9.99 10.54 -29.14
CA ILE A 55 11.31 10.30 -28.54
C ILE A 55 12.31 11.32 -29.14
N ASN A 56 12.32 11.47 -30.47
CA ASN A 56 13.21 12.42 -31.14
C ASN A 56 12.74 13.87 -30.97
N ASN A 57 11.42 14.10 -31.03
CA ASN A 57 10.83 15.44 -30.85
C ASN A 57 11.25 16.03 -29.53
N TYR A 58 11.07 15.26 -28.45
CA TYR A 58 11.35 15.75 -27.11
C TYR A 58 12.67 15.33 -26.55
N LYS A 59 13.55 14.69 -27.36
CA LYS A 59 14.89 14.28 -26.93
C LYS A 59 14.82 13.46 -25.65
N ILE A 60 13.89 12.49 -25.64
CA ILE A 60 13.68 11.62 -24.49
C ILE A 60 14.84 10.66 -24.37
N ASP A 61 15.37 10.47 -23.15
CA ASP A 61 16.47 9.54 -22.91
C ASP A 61 15.86 8.14 -22.92
N CYS A 62 16.32 7.27 -23.85
CA CYS A 62 15.70 5.93 -23.97
C CYS A 62 15.89 5.04 -22.73
N PRO A 63 17.05 5.01 -22.02
CA PRO A 63 17.10 4.26 -20.76
C PRO A 63 16.10 4.78 -19.74
N THR A 64 15.96 6.12 -19.59
CA THR A 64 14.97 6.70 -18.65
C THR A 64 13.54 6.28 -19.07
N LEU A 65 13.24 6.36 -20.38
CA LEU A 65 11.92 5.98 -20.88
C LEU A 65 11.62 4.50 -20.60
N ALA A 66 12.60 3.60 -20.85
CA ALA A 66 12.43 2.18 -20.57
C ALA A 66 12.15 1.96 -19.07
N ARG A 67 12.87 2.64 -18.18
CA ARG A 67 12.65 2.49 -16.73
C ARG A 67 11.28 3.03 -16.34
N PHE A 68 10.90 4.19 -16.91
CA PHE A 68 9.59 4.81 -16.68
C PHE A 68 8.46 3.84 -17.09
N CYS A 69 8.53 3.33 -18.34
CA CYS A 69 7.55 2.36 -18.86
C CYS A 69 7.38 1.15 -17.95
N LEU A 70 8.50 0.56 -17.49
CA LEU A 70 8.45 -0.60 -16.61
C LEU A 70 7.89 -0.27 -15.25
N MET A 71 8.20 0.92 -14.72
CA MET A 71 7.66 1.39 -13.43
C MET A 71 6.15 1.61 -13.52
N VAL A 72 5.66 2.16 -14.65
CA VAL A 72 4.22 2.39 -14.82
C VAL A 72 3.51 1.04 -14.88
N LYS A 73 4.05 0.08 -15.67
CA LYS A 73 3.47 -1.26 -15.79
C LYS A 73 3.40 -1.95 -14.42
N LYS A 74 4.48 -1.86 -13.61
CA LYS A 74 4.57 -2.46 -12.27
C LYS A 74 3.60 -1.77 -11.28
N GLY A 75 3.25 -0.53 -11.59
CA GLY A 75 2.37 0.30 -10.77
C GLY A 75 0.91 -0.08 -10.82
N TYR A 76 0.54 -1.04 -11.69
CA TYR A 76 -0.83 -1.57 -11.80
C TYR A 76 -0.94 -2.86 -11.03
N ARG A 77 -2.08 -3.02 -10.34
CA ARG A 77 -2.39 -4.23 -9.58
C ARG A 77 -3.09 -5.18 -10.54
N ASP A 78 -3.67 -6.28 -10.02
CA ASP A 78 -4.32 -7.21 -10.92
C ASP A 78 -5.80 -7.46 -10.61
N PRO A 79 -6.66 -6.40 -10.46
CA PRO A 79 -8.09 -6.66 -10.34
C PRO A 79 -8.58 -7.10 -11.75
N PRO A 80 -9.79 -7.66 -11.88
CA PRO A 80 -10.22 -8.18 -13.20
C PRO A 80 -10.14 -7.18 -14.37
N TYR A 81 -10.52 -5.92 -14.14
CA TYR A 81 -10.52 -4.95 -15.25
C TYR A 81 -9.44 -3.88 -15.15
N HIS A 82 -9.30 -3.23 -13.99
CA HIS A 82 -8.36 -2.10 -13.87
C HIS A 82 -6.91 -2.53 -13.63
N ASN A 83 -6.33 -3.17 -14.66
CA ASN A 83 -4.97 -3.68 -14.59
C ASN A 83 -4.15 -3.04 -15.69
N TRP A 84 -2.89 -3.46 -15.85
CA TRP A 84 -2.04 -2.87 -16.91
C TRP A 84 -2.59 -3.06 -18.31
N MET A 85 -3.21 -4.22 -18.62
CA MET A 85 -3.76 -4.44 -19.97
C MET A 85 -4.83 -3.39 -20.30
N HIS A 86 -5.59 -2.93 -19.29
CA HIS A 86 -6.54 -1.81 -19.51
C HIS A 86 -5.73 -0.55 -19.88
N ALA A 87 -4.71 -0.18 -19.06
CA ALA A 87 -3.91 1.02 -19.35
C ALA A 87 -3.23 0.94 -20.71
N PHE A 88 -2.73 -0.25 -21.08
CA PHE A 88 -2.10 -0.47 -22.37
C PHE A 88 -3.10 -0.26 -23.52
N SER A 89 -4.30 -0.87 -23.40
N SER A 89 -4.30 -0.86 -23.39
CA SER A 89 -5.32 -0.75 -24.46
CA SER A 89 -5.35 -0.77 -24.41
C SER A 89 -5.81 0.68 -24.59
C SER A 89 -5.85 0.66 -24.57
N VAL A 90 -5.89 1.43 -23.48
CA VAL A 90 -6.29 2.85 -23.48
C VAL A 90 -5.22 3.67 -24.22
N SER A 91 -3.92 3.42 -23.89
CA SER A 91 -2.78 4.07 -24.54
C SER A 91 -2.75 3.74 -26.02
N HIS A 92 -3.06 2.47 -26.39
CA HIS A 92 -3.08 2.06 -27.79
C HIS A 92 -4.16 2.85 -28.54
N PHE A 93 -5.32 3.07 -27.92
CA PHE A 93 -6.38 3.86 -28.57
C PHE A 93 -5.94 5.29 -28.81
N CYS A 94 -5.20 5.88 -27.87
CA CYS A 94 -4.65 7.22 -28.04
C CYS A 94 -3.78 7.26 -29.31
N TYR A 95 -2.93 6.24 -29.46
CA TYR A 95 -2.07 6.09 -30.63
C TYR A 95 -2.94 5.97 -31.89
N LEU A 96 -4.02 5.17 -31.85
CA LEU A 96 -4.94 5.06 -33.02
C LEU A 96 -5.54 6.40 -33.40
N LEU A 97 -5.94 7.20 -32.41
CA LEU A 97 -6.47 8.55 -32.67
C LEU A 97 -5.43 9.42 -33.37
N TYR A 98 -4.18 9.37 -32.90
CA TYR A 98 -3.08 10.10 -33.51
C TYR A 98 -2.91 9.67 -34.98
N LYS A 99 -2.89 8.36 -35.24
CA LYS A 99 -2.67 7.83 -36.59
C LYS A 99 -3.83 8.02 -37.56
N ASN A 100 -5.08 7.95 -37.06
CA ASN A 100 -6.25 7.99 -37.94
C ASN A 100 -6.98 9.30 -38.01
N LEU A 101 -6.90 10.11 -36.92
CA LEU A 101 -7.63 11.37 -36.83
C LEU A 101 -6.81 12.62 -37.08
N GLU A 102 -5.50 12.52 -37.33
CA GLU A 102 -4.70 13.73 -37.63
C GLU A 102 -4.83 14.79 -36.49
N LEU A 103 -4.62 14.37 -35.24
CA LEU A 103 -4.71 15.21 -34.05
C LEU A 103 -3.83 16.45 -34.09
N THR A 104 -2.73 16.39 -34.86
CA THR A 104 -1.77 17.48 -35.00
C THR A 104 -2.41 18.72 -35.63
N ASN A 105 -3.57 18.57 -36.30
CA ASN A 105 -4.30 19.69 -36.88
C ASN A 105 -5.18 20.39 -35.83
N TYR A 106 -5.29 19.80 -34.61
CA TYR A 106 -6.18 20.30 -33.56
C TYR A 106 -5.44 20.64 -32.28
N LEU A 107 -4.41 19.88 -31.95
CA LEU A 107 -3.69 20.02 -30.70
C LEU A 107 -2.21 20.23 -30.90
N GLU A 108 -1.55 20.78 -29.89
CA GLU A 108 -0.10 20.97 -29.89
C GLU A 108 0.54 19.61 -29.64
N ASP A 109 1.77 19.40 -30.16
CA ASP A 109 2.51 18.15 -29.93
C ASP A 109 2.62 17.84 -28.44
N ILE A 110 2.90 18.86 -27.61
CA ILE A 110 3.06 18.61 -26.16
C ILE A 110 1.75 18.09 -25.51
N GLU A 111 0.59 18.54 -26.03
CA GLU A 111 -0.71 18.12 -25.53
C GLU A 111 -0.98 16.66 -25.89
N ILE A 112 -0.61 16.26 -27.12
CA ILE A 112 -0.81 14.88 -27.59
C ILE A 112 0.11 13.94 -26.80
N PHE A 113 1.37 14.37 -26.63
CA PHE A 113 2.34 13.61 -25.82
C PHE A 113 1.79 13.44 -24.38
N ALA A 114 1.30 14.52 -23.74
CA ALA A 114 0.72 14.45 -22.40
C ALA A 114 -0.47 13.50 -22.35
N LEU A 115 -1.31 13.54 -23.38
CA LEU A 115 -2.47 12.66 -23.44
C LEU A 115 -2.00 11.18 -23.43
N PHE A 116 -0.98 10.84 -24.24
CA PHE A 116 -0.51 9.47 -24.33
C PHE A 116 0.07 9.01 -22.97
N ILE A 117 0.93 9.85 -22.35
CA ILE A 117 1.52 9.50 -21.04
C ILE A 117 0.42 9.38 -19.98
N SER A 118 -0.58 10.30 -20.04
CA SER A 118 -1.72 10.25 -19.10
C SER A 118 -2.48 8.93 -19.28
N CYS A 119 -2.71 8.50 -20.53
CA CYS A 119 -3.37 7.20 -20.78
C CYS A 119 -2.62 6.07 -20.06
N MET A 120 -1.27 6.05 -20.17
CA MET A 120 -0.48 4.99 -19.50
C MET A 120 -0.69 4.98 -18.00
N CYS A 121 -0.77 6.18 -17.37
CA CYS A 121 -0.80 6.39 -15.92
C CYS A 121 -2.18 6.51 -15.30
N HIS A 122 -3.23 6.62 -16.13
CA HIS A 122 -4.51 7.14 -15.65
C HIS A 122 -5.24 6.31 -14.58
N ASP A 123 -4.92 5.00 -14.41
CA ASP A 123 -5.53 4.15 -13.37
C ASP A 123 -4.46 3.55 -12.45
N LEU A 124 -3.26 4.16 -12.33
CA LEU A 124 -2.19 3.59 -11.52
C LEU A 124 -2.66 3.20 -10.12
N ASP A 125 -2.29 1.98 -9.70
CA ASP A 125 -2.57 1.48 -8.35
C ASP A 125 -4.06 1.35 -8.06
N HIS A 126 -4.87 1.17 -9.12
CA HIS A 126 -6.29 0.93 -8.92
C HIS A 126 -6.45 -0.41 -8.18
N ARG A 127 -7.36 -0.46 -7.21
CA ARG A 127 -7.53 -1.68 -6.40
C ARG A 127 -8.79 -2.47 -6.73
N GLY A 128 -9.47 -2.08 -7.81
CA GLY A 128 -10.74 -2.70 -8.18
C GLY A 128 -11.94 -2.13 -7.43
N THR A 129 -11.76 -0.97 -6.77
CA THR A 129 -12.86 -0.32 -6.05
C THR A 129 -13.03 1.13 -6.54
N ASN A 130 -14.26 1.65 -6.49
CA ASN A 130 -14.58 2.97 -7.03
C ASN A 130 -14.44 4.11 -5.99
N ASN A 131 -14.77 5.37 -6.38
CA ASN A 131 -14.62 6.52 -5.47
C ASN A 131 -15.52 6.43 -4.25
N SER A 132 -16.80 6.03 -4.46
CA SER A 132 -17.73 5.91 -3.34
C SER A 132 -17.26 4.91 -2.30
N PHE A 133 -16.62 3.79 -2.75
CA PHE A 133 -16.12 2.75 -1.85
C PHE A 133 -15.08 3.35 -0.91
N GLN A 134 -14.21 4.22 -1.43
CA GLN A 134 -13.16 4.83 -0.60
C GLN A 134 -13.76 5.53 0.60
N VAL A 135 -14.81 6.33 0.38
CA VAL A 135 -15.52 7.04 1.44
C VAL A 135 -16.25 6.06 2.37
N ALA A 136 -17.06 5.14 1.81
CA ALA A 136 -17.83 4.17 2.60
C ALA A 136 -16.94 3.25 3.46
N SER A 137 -15.80 2.78 2.92
CA SER A 137 -14.88 1.90 3.62
C SER A 137 -13.91 2.68 4.52
N LYS A 138 -13.98 4.02 4.49
CA LYS A 138 -13.13 4.92 5.26
C LYS A 138 -11.65 4.63 4.99
N SER A 139 -11.27 4.54 3.70
CA SER A 139 -9.90 4.21 3.33
C SER A 139 -8.99 5.41 3.53
N VAL A 140 -7.66 5.15 3.52
CA VAL A 140 -6.65 6.21 3.64
C VAL A 140 -6.77 7.17 2.45
N LEU A 141 -7.16 6.65 1.26
CA LEU A 141 -7.31 7.49 0.08
C LEU A 141 -8.44 8.49 0.28
N ALA A 142 -9.56 8.06 0.92
CA ALA A 142 -10.66 8.97 1.26
C ALA A 142 -10.15 10.03 2.27
N ALA A 143 -9.35 9.63 3.27
CA ALA A 143 -8.83 10.60 4.25
C ALA A 143 -7.98 11.66 3.58
N LEU A 144 -7.17 11.25 2.59
CA LEU A 144 -6.31 12.18 1.86
C LEU A 144 -7.05 13.03 0.84
N TYR A 145 -8.07 12.47 0.15
CA TYR A 145 -8.69 13.14 -0.99
C TYR A 145 -10.20 13.39 -0.99
N SER A 146 -11.00 12.72 -0.13
CA SER A 146 -12.47 12.81 -0.20
C SER A 146 -13.06 14.22 -0.21
N SER A 147 -12.46 15.15 0.57
CA SER A 147 -12.93 16.53 0.62
C SER A 147 -12.77 17.27 -0.72
N GLU A 148 -11.93 16.76 -1.63
CA GLU A 148 -11.74 17.41 -2.93
C GLU A 148 -12.42 16.68 -4.09
N GLY A 149 -12.96 15.49 -3.83
CA GLY A 149 -13.64 14.67 -4.84
C GLY A 149 -12.66 13.94 -5.75
N SER A 150 -13.16 13.11 -6.70
CA SER A 150 -12.31 12.30 -7.63
C SER A 150 -11.19 11.58 -6.86
N VAL A 151 -11.53 10.87 -5.79
CA VAL A 151 -10.53 10.23 -4.91
C VAL A 151 -9.52 9.38 -5.68
N MET A 152 -10.00 8.37 -6.43
CA MET A 152 -9.05 7.50 -7.13
C MET A 152 -8.23 8.26 -8.17
N GLU A 153 -8.85 9.21 -8.89
CA GLU A 153 -8.15 9.96 -9.97
C GLU A 153 -7.02 10.83 -9.38
N ARG A 154 -7.24 11.40 -8.20
CA ARG A 154 -6.20 12.18 -7.50
C ARG A 154 -5.05 11.22 -7.09
N HIS A 155 -5.41 10.00 -6.66
CA HIS A 155 -4.41 9.00 -6.31
C HIS A 155 -3.62 8.57 -7.55
N HIS A 156 -4.28 8.34 -8.70
CA HIS A 156 -3.60 7.92 -9.94
C HIS A 156 -2.57 8.99 -10.33
N PHE A 157 -2.96 10.29 -10.28
CA PHE A 157 -2.03 11.37 -10.61
C PHE A 157 -0.87 11.39 -9.61
N ALA A 158 -1.16 11.26 -8.29
CA ALA A 158 -0.12 11.26 -7.25
C ALA A 158 0.89 10.11 -7.48
N GLN A 159 0.39 8.93 -7.94
CA GLN A 159 1.26 7.79 -8.22
C GLN A 159 2.15 8.09 -9.41
N ALA A 160 1.60 8.78 -10.44
CA ALA A 160 2.36 9.17 -11.64
C ALA A 160 3.49 10.10 -11.24
N ILE A 161 3.21 11.09 -10.37
CA ILE A 161 4.22 12.02 -9.86
C ILE A 161 5.32 11.26 -9.10
N ALA A 162 4.92 10.29 -8.26
CA ALA A 162 5.88 9.50 -7.47
C ALA A 162 6.82 8.69 -8.40
N ILE A 163 6.29 8.20 -9.55
CA ILE A 163 7.12 7.47 -10.52
C ILE A 163 8.08 8.45 -11.18
N LEU A 164 7.58 9.62 -11.63
CA LEU A 164 8.48 10.60 -12.26
C LEU A 164 9.59 11.01 -11.34
N ASN A 165 9.29 11.09 -10.03
CA ASN A 165 10.25 11.51 -9.03
C ASN A 165 11.09 10.35 -8.47
N THR A 166 10.98 9.15 -9.07
CA THR A 166 11.79 8.00 -8.71
C THR A 166 13.09 8.16 -9.49
N HIS A 167 14.23 7.92 -8.81
CA HIS A 167 15.55 8.07 -9.46
C HIS A 167 15.64 7.29 -10.74
N GLY A 168 16.06 7.97 -11.80
CA GLY A 168 16.23 7.40 -13.14
C GLY A 168 14.96 7.27 -13.97
N CYS A 169 13.80 7.78 -13.48
CA CYS A 169 12.53 7.63 -14.20
C CYS A 169 11.93 8.95 -14.72
N ASN A 170 12.61 10.09 -14.50
CA ASN A 170 12.02 11.36 -14.91
C ASN A 170 12.25 11.65 -16.38
N ILE A 171 11.35 11.15 -17.23
CA ILE A 171 11.44 11.32 -18.70
C ILE A 171 11.35 12.78 -19.16
N PHE A 172 10.89 13.70 -18.29
CA PHE A 172 10.77 15.13 -18.61
C PHE A 172 11.79 16.03 -17.89
N ASP A 173 12.81 15.46 -17.22
CA ASP A 173 13.67 16.32 -16.40
C ASP A 173 14.60 17.28 -17.19
N HIS A 174 14.67 17.17 -18.52
CA HIS A 174 15.47 18.07 -19.36
C HIS A 174 14.53 19.14 -20.02
N PHE A 175 13.22 19.07 -19.74
CA PHE A 175 12.25 20.05 -20.26
C PHE A 175 12.52 21.42 -19.62
N SER A 176 12.17 22.50 -20.31
CA SER A 176 12.30 23.85 -19.71
C SER A 176 11.37 23.88 -18.49
N ARG A 177 11.62 24.78 -17.54
CA ARG A 177 10.74 24.85 -16.35
C ARG A 177 9.27 25.14 -16.74
N LYS A 178 9.00 25.92 -17.83
CA LYS A 178 7.66 26.20 -18.40
C LYS A 178 7.02 24.89 -18.95
N ASP A 179 7.74 24.14 -19.81
CA ASP A 179 7.23 22.88 -20.38
C ASP A 179 7.07 21.79 -19.36
N TYR A 180 7.96 21.73 -18.35
CA TYR A 180 7.83 20.70 -17.30
C TYR A 180 6.51 20.92 -16.53
N GLN A 181 6.24 22.19 -16.23
CA GLN A 181 5.02 22.65 -15.54
C GLN A 181 3.80 22.33 -16.39
N ARG A 182 3.87 22.67 -17.68
CA ARG A 182 2.82 22.41 -18.65
C ARG A 182 2.47 20.91 -18.62
N MET A 183 3.48 20.03 -18.75
N MET A 183 3.49 20.01 -18.72
CA MET A 183 3.31 18.58 -18.77
CA MET A 183 3.31 18.56 -18.71
C MET A 183 2.59 18.04 -17.53
C MET A 183 2.54 18.08 -17.50
N LEU A 184 2.99 18.49 -16.31
CA LEU A 184 2.34 18.09 -15.06
C LEU A 184 0.90 18.61 -14.97
N ASP A 185 0.65 19.86 -15.41
CA ASP A 185 -0.71 20.44 -15.39
C ASP A 185 -1.62 19.68 -16.37
N LEU A 186 -1.09 19.32 -17.54
CA LEU A 186 -1.84 18.54 -18.55
C LEU A 186 -2.14 17.17 -17.99
N MET A 187 -1.15 16.47 -17.41
CA MET A 187 -1.38 15.12 -16.84
C MET A 187 -2.43 15.19 -15.73
N ARG A 188 -2.37 16.22 -14.87
N ARG A 188 -2.39 16.20 -14.85
CA ARG A 188 -3.35 16.40 -13.79
CA ARG A 188 -3.40 16.30 -13.78
C ARG A 188 -4.75 16.56 -14.32
C ARG A 188 -4.79 16.52 -14.35
N ASP A 189 -4.93 17.47 -15.28
CA ASP A 189 -6.25 17.75 -15.88
C ASP A 189 -6.78 16.56 -16.63
N ILE A 190 -5.93 15.88 -17.39
CA ILE A 190 -6.35 14.74 -18.22
C ILE A 190 -6.74 13.55 -17.33
N ILE A 191 -5.91 13.23 -16.32
CA ILE A 191 -6.27 12.12 -15.41
C ILE A 191 -7.57 12.43 -14.62
N LEU A 192 -7.73 13.66 -14.18
CA LEU A 192 -8.96 14.02 -13.45
C LEU A 192 -10.19 13.95 -14.35
N ALA A 193 -10.00 14.09 -15.69
CA ALA A 193 -11.10 14.02 -16.67
C ALA A 193 -11.67 12.60 -16.79
N THR A 194 -10.99 11.59 -16.21
CA THR A 194 -11.50 10.19 -16.29
C THR A 194 -12.55 9.89 -15.24
N ASP A 195 -12.82 10.85 -14.33
CA ASP A 195 -13.91 10.66 -13.37
C ASP A 195 -15.23 10.97 -14.09
N LEU A 196 -16.21 10.05 -14.06
CA LEU A 196 -17.53 10.30 -14.67
C LEU A 196 -18.11 11.63 -14.18
N ALA A 197 -17.91 11.97 -12.87
CA ALA A 197 -18.44 13.24 -12.34
C ALA A 197 -17.89 14.44 -13.10
N HIS A 198 -16.60 14.38 -13.53
CA HIS A 198 -15.99 15.47 -14.30
C HIS A 198 -16.62 15.53 -15.70
N HIS A 199 -16.74 14.37 -16.38
CA HIS A 199 -17.35 14.32 -17.71
C HIS A 199 -18.77 14.91 -17.69
N LEU A 200 -19.57 14.54 -16.66
CA LEU A 200 -20.93 15.08 -16.57
C LEU A 200 -20.93 16.61 -16.37
N ARG A 201 -19.94 17.15 -15.61
N ARG A 201 -19.96 17.13 -15.61
CA ARG A 201 -19.79 18.60 -15.35
CA ARG A 201 -19.79 18.56 -15.36
C ARG A 201 -19.45 19.38 -16.63
C ARG A 201 -19.53 19.33 -16.67
N ILE A 202 -18.65 18.78 -17.53
CA ILE A 202 -18.22 19.48 -18.76
C ILE A 202 -19.03 19.16 -20.01
N PHE A 203 -19.97 18.23 -19.91
CA PHE A 203 -20.73 17.75 -21.06
C PHE A 203 -21.37 18.88 -21.88
N LYS A 204 -22.04 19.85 -21.21
CA LYS A 204 -22.65 20.99 -21.91
C LYS A 204 -21.59 21.83 -22.67
N ASP A 205 -20.39 22.01 -22.07
CA ASP A 205 -19.29 22.73 -22.72
C ASP A 205 -18.77 21.96 -23.93
N LEU A 206 -18.76 20.62 -23.88
CA LEU A 206 -18.34 19.79 -25.01
C LEU A 206 -19.36 19.96 -26.14
N GLN A 207 -20.68 19.94 -25.79
CA GLN A 207 -21.76 20.13 -26.78
C GLN A 207 -21.64 21.49 -27.44
N LYS A 208 -21.32 22.55 -26.65
CA LYS A 208 -21.21 23.90 -27.20
C LYS A 208 -20.06 23.97 -28.20
N MET A 209 -18.91 23.38 -27.84
CA MET A 209 -17.73 23.34 -28.69
C MET A 209 -18.05 22.64 -30.01
N ALA A 210 -18.69 21.45 -29.96
CA ALA A 210 -19.04 20.69 -31.17
C ALA A 210 -20.04 21.47 -32.03
N GLU A 211 -20.97 22.24 -31.39
CA GLU A 211 -21.99 23.06 -32.05
C GLU A 211 -21.36 24.25 -32.75
N VAL A 212 -20.54 25.06 -32.04
CA VAL A 212 -19.92 26.26 -32.64
C VAL A 212 -18.81 25.88 -33.63
N GLY A 213 -18.19 24.73 -33.41
CA GLY A 213 -17.07 24.25 -34.20
C GLY A 213 -15.75 24.46 -33.46
N TYR A 214 -14.84 23.48 -33.56
CA TYR A 214 -13.54 23.56 -32.89
C TYR A 214 -12.73 24.76 -33.36
N ASP A 215 -12.19 25.53 -32.41
CA ASP A 215 -11.34 26.69 -32.70
C ASP A 215 -9.96 26.38 -32.13
N ARG A 216 -9.00 26.10 -33.03
CA ARG A 216 -7.62 25.77 -32.67
C ARG A 216 -6.92 26.93 -31.93
N ASN A 217 -7.47 28.13 -32.01
CA ASN A 217 -6.90 29.31 -31.31
C ASN A 217 -7.51 29.52 -29.93
N ASN A 218 -8.50 28.69 -29.56
CA ASN A 218 -9.17 28.80 -28.26
C ASN A 218 -8.55 27.79 -27.31
N LYS A 219 -7.82 28.27 -26.28
CA LYS A 219 -7.16 27.43 -25.28
C LYS A 219 -8.17 26.54 -24.52
N GLN A 220 -9.38 27.06 -24.25
CA GLN A 220 -10.40 26.23 -23.59
C GLN A 220 -10.87 25.08 -24.50
N HIS A 221 -10.93 25.28 -25.84
CA HIS A 221 -11.28 24.18 -26.76
C HIS A 221 -10.21 23.08 -26.73
N HIS A 222 -8.92 23.44 -26.64
CA HIS A 222 -7.83 22.43 -26.56
C HIS A 222 -8.05 21.59 -25.28
N ARG A 223 -8.33 22.26 -24.15
CA ARG A 223 -8.56 21.59 -22.86
C ARG A 223 -9.77 20.66 -22.91
N LEU A 224 -10.89 21.15 -23.41
CA LEU A 224 -12.11 20.34 -23.52
C LEU A 224 -11.90 19.14 -24.45
N LEU A 225 -11.20 19.36 -25.58
CA LEU A 225 -10.94 18.26 -26.51
C LEU A 225 -10.08 17.19 -25.87
N LEU A 226 -9.05 17.58 -25.08
CA LEU A 226 -8.20 16.59 -24.40
C LEU A 226 -9.04 15.75 -23.44
N CYS A 227 -10.02 16.36 -22.74
CA CYS A 227 -10.91 15.63 -21.83
C CYS A 227 -11.74 14.62 -22.63
N LEU A 228 -12.30 15.07 -23.76
CA LEU A 228 -13.12 14.20 -24.61
C LEU A 228 -12.29 13.04 -25.14
N LEU A 229 -11.09 13.33 -25.64
CA LEU A 229 -10.21 12.27 -26.17
C LEU A 229 -9.84 11.29 -25.07
N MET A 230 -9.51 11.78 -23.87
CA MET A 230 -9.18 10.88 -22.74
C MET A 230 -10.35 9.92 -22.45
N THR A 231 -11.56 10.45 -22.32
CA THR A 231 -12.72 9.58 -22.06
C THR A 231 -12.97 8.62 -23.23
N SER A 232 -12.73 9.04 -24.49
N SER A 232 -12.75 9.03 -24.50
CA SER A 232 -12.88 8.18 -25.67
CA SER A 232 -12.94 8.10 -25.63
C SER A 232 -11.86 7.03 -25.62
C SER A 232 -11.88 6.98 -25.56
N CYS A 233 -10.67 7.28 -25.05
CA CYS A 233 -9.63 6.26 -24.87
C CYS A 233 -10.04 5.28 -23.77
N ASP A 234 -10.51 5.83 -22.64
CA ASP A 234 -10.87 5.03 -21.47
C ASP A 234 -12.03 4.05 -21.76
N LEU A 235 -12.96 4.44 -22.66
CA LEU A 235 -14.10 3.60 -23.00
C LEU A 235 -13.93 2.83 -24.31
N SER A 236 -12.73 2.90 -24.93
CA SER A 236 -12.44 2.36 -26.24
C SER A 236 -12.70 0.87 -26.42
N ASP A 237 -12.76 0.05 -25.33
CA ASP A 237 -13.14 -1.36 -25.55
C ASP A 237 -14.50 -1.48 -26.25
N GLN A 238 -15.38 -0.49 -26.05
CA GLN A 238 -16.72 -0.49 -26.64
C GLN A 238 -16.75 -0.21 -28.16
N THR A 239 -15.61 0.23 -28.74
CA THR A 239 -15.49 0.51 -30.16
C THR A 239 -14.96 -0.74 -30.90
N LYS A 240 -14.70 -1.85 -30.17
CA LYS A 240 -14.21 -3.08 -30.81
C LYS A 240 -15.38 -4.01 -31.15
N GLY A 241 -15.07 -5.23 -31.61
CA GLY A 241 -16.11 -6.18 -31.97
C GLY A 241 -16.87 -6.64 -30.73
N TRP A 242 -18.05 -7.23 -30.94
CA TRP A 242 -18.90 -7.71 -29.84
C TRP A 242 -18.17 -8.55 -28.81
N LYS A 243 -17.34 -9.51 -29.27
N LYS A 243 -17.36 -9.51 -29.26
CA LYS A 243 -16.57 -10.44 -28.44
CA LYS A 243 -16.66 -10.43 -28.34
C LYS A 243 -15.73 -9.72 -27.39
C LYS A 243 -15.73 -9.73 -27.36
N THR A 244 -15.03 -8.66 -27.81
CA THR A 244 -14.20 -7.85 -26.92
C THR A 244 -15.10 -7.20 -25.84
N THR A 245 -16.22 -6.59 -26.26
CA THR A 245 -17.12 -5.90 -25.32
C THR A 245 -17.79 -6.86 -24.33
N ARG A 246 -18.08 -8.09 -24.78
CA ARG A 246 -18.68 -9.13 -23.95
C ARG A 246 -17.65 -9.56 -22.86
N LYS A 247 -16.39 -9.84 -23.24
N LYS A 247 -16.39 -9.81 -23.26
CA LYS A 247 -15.36 -10.23 -22.26
CA LYS A 247 -15.28 -10.20 -22.39
C LYS A 247 -15.05 -9.07 -21.29
C LYS A 247 -14.93 -9.10 -21.37
N ILE A 248 -14.99 -7.82 -21.79
CA ILE A 248 -14.71 -6.69 -20.92
C ILE A 248 -15.89 -6.46 -19.95
N ALA A 249 -17.16 -6.70 -20.39
CA ALA A 249 -18.30 -6.62 -19.46
C ALA A 249 -18.12 -7.67 -18.34
N GLU A 250 -17.67 -8.92 -18.68
CA GLU A 250 -17.40 -9.97 -17.67
C GLU A 250 -16.41 -9.46 -16.62
N LEU A 251 -15.31 -8.83 -17.08
CA LEU A 251 -14.25 -8.35 -16.19
C LEU A 251 -14.76 -7.21 -15.30
N ILE A 252 -15.48 -6.28 -15.87
CA ILE A 252 -16.02 -5.13 -15.13
C ILE A 252 -16.97 -5.59 -14.04
N TYR A 253 -17.94 -6.46 -14.39
CA TYR A 253 -18.92 -6.89 -13.37
C TYR A 253 -18.28 -7.80 -12.34
N LYS A 254 -17.26 -8.58 -12.71
CA LYS A 254 -16.56 -9.40 -11.70
C LYS A 254 -15.92 -8.44 -10.67
N GLU A 255 -15.28 -7.36 -11.17
CA GLU A 255 -14.65 -6.38 -10.31
C GLU A 255 -15.70 -5.67 -9.43
N PHE A 256 -16.79 -5.20 -10.04
CA PHE A 256 -17.87 -4.50 -9.32
C PHE A 256 -18.50 -5.36 -8.24
N PHE A 257 -18.76 -6.64 -8.56
CA PHE A 257 -19.42 -7.52 -7.59
C PHE A 257 -18.50 -7.87 -6.43
N SER A 258 -17.18 -7.95 -6.69
N SER A 258 -17.18 -7.95 -6.70
CA SER A 258 -16.21 -8.19 -5.62
CA SER A 258 -16.20 -8.18 -5.63
C SER A 258 -16.24 -6.98 -4.67
C SER A 258 -16.27 -6.99 -4.67
N GLN A 259 -16.43 -5.76 -5.21
CA GLN A 259 -16.60 -4.55 -4.36
C GLN A 259 -17.90 -4.66 -3.51
N GLY A 260 -19.01 -5.02 -4.14
CA GLY A 260 -20.28 -5.15 -3.43
C GLY A 260 -20.21 -6.14 -2.30
N ASP A 261 -19.48 -7.28 -2.52
CA ASP A 261 -19.28 -8.30 -1.49
C ASP A 261 -18.52 -7.72 -0.30
N LEU A 262 -17.51 -6.86 -0.58
CA LEU A 262 -16.72 -6.24 0.49
C LEU A 262 -17.61 -5.30 1.28
N GLU A 263 -18.45 -4.53 0.58
CA GLU A 263 -19.39 -3.61 1.20
C GLU A 263 -20.36 -4.31 2.13
N LYS A 264 -20.95 -5.45 1.67
CA LYS A 264 -21.89 -6.21 2.51
C LYS A 264 -21.16 -6.73 3.75
N ALA A 265 -19.90 -7.14 3.56
CA ALA A 265 -19.07 -7.64 4.65
C ALA A 265 -18.81 -6.61 5.76
N MET A 266 -18.84 -5.30 5.40
N MET A 266 -18.84 -5.28 5.44
CA MET A 266 -18.63 -4.15 6.28
CA MET A 266 -18.66 -4.22 6.47
C MET A 266 -19.98 -3.63 6.84
C MET A 266 -20.00 -3.76 7.03
N GLY A 267 -21.09 -4.29 6.50
CA GLY A 267 -22.43 -3.92 6.93
C GLY A 267 -23.05 -2.78 6.12
N ASN A 268 -22.53 -2.53 4.91
CA ASN A 268 -23.06 -1.51 4.00
C ASN A 268 -23.96 -2.14 2.95
N ARG A 269 -24.91 -1.36 2.43
CA ARG A 269 -25.82 -1.82 1.41
C ARG A 269 -25.25 -1.28 0.09
N PRO A 270 -24.64 -2.12 -0.77
CA PRO A 270 -24.06 -1.58 -2.01
C PRO A 270 -25.12 -1.08 -2.97
N MET A 271 -24.70 -0.23 -3.93
CA MET A 271 -25.58 0.22 -4.99
C MET A 271 -25.95 -1.01 -5.82
N GLU A 272 -27.17 -1.03 -6.39
CA GLU A 272 -27.62 -2.15 -7.21
C GLU A 272 -26.56 -2.64 -8.24
N MET A 273 -25.81 -1.72 -8.93
CA MET A 273 -24.86 -2.20 -9.95
C MET A 273 -23.63 -2.96 -9.40
N MET A 274 -23.36 -2.84 -8.09
N MET A 274 -23.38 -2.85 -8.08
CA MET A 274 -22.23 -3.51 -7.42
CA MET A 274 -22.26 -3.48 -7.38
C MET A 274 -22.75 -4.74 -6.64
C MET A 274 -22.76 -4.72 -6.62
N ASP A 275 -24.08 -4.99 -6.65
CA ASP A 275 -24.66 -6.09 -5.89
C ASP A 275 -25.01 -7.23 -6.79
N ARG A 276 -24.27 -8.35 -6.67
CA ARG A 276 -24.48 -9.51 -7.57
C ARG A 276 -25.87 -10.13 -7.45
N GLU A 277 -26.61 -9.82 -6.37
CA GLU A 277 -27.96 -10.35 -6.13
C GLU A 277 -29.03 -9.44 -6.74
N LYS A 278 -28.65 -8.21 -7.13
CA LYS A 278 -29.57 -7.21 -7.66
C LYS A 278 -29.28 -6.72 -9.06
N ALA A 279 -27.99 -6.57 -9.41
CA ALA A 279 -27.57 -6.04 -10.72
C ALA A 279 -28.14 -6.84 -11.90
N TYR A 280 -28.71 -6.15 -12.89
CA TYR A 280 -29.23 -6.82 -14.08
C TYR A 280 -28.38 -6.29 -15.23
N ILE A 281 -27.36 -7.09 -15.61
CA ILE A 281 -26.30 -6.70 -16.54
C ILE A 281 -26.80 -6.10 -17.89
N PRO A 282 -27.76 -6.69 -18.62
CA PRO A 282 -28.15 -6.09 -19.91
C PRO A 282 -28.72 -4.68 -19.78
N GLU A 283 -29.51 -4.39 -18.72
CA GLU A 283 -30.08 -3.07 -18.51
C GLU A 283 -28.98 -2.07 -18.17
N LEU A 284 -28.03 -2.49 -17.32
CA LEU A 284 -26.90 -1.66 -16.90
C LEU A 284 -26.01 -1.33 -18.10
N GLN A 285 -25.70 -2.35 -18.92
CA GLN A 285 -24.86 -2.13 -20.12
C GLN A 285 -25.56 -1.28 -21.16
N ILE A 286 -26.86 -1.52 -21.38
CA ILE A 286 -27.63 -0.68 -22.32
C ILE A 286 -27.63 0.77 -21.85
N SER A 287 -27.88 1.01 -20.54
CA SER A 287 -27.89 2.38 -20.00
C SER A 287 -26.51 3.01 -20.20
N PHE A 288 -25.44 2.26 -19.89
CA PHE A 288 -24.09 2.78 -20.09
C PHE A 288 -23.82 3.15 -21.56
N MET A 289 -24.18 2.26 -22.47
CA MET A 289 -23.92 2.44 -23.90
C MET A 289 -24.75 3.56 -24.50
N GLU A 290 -26.06 3.59 -24.19
CA GLU A 290 -26.97 4.60 -24.74
C GLU A 290 -26.75 6.00 -24.12
N HIS A 291 -26.57 6.07 -22.80
CA HIS A 291 -26.52 7.38 -22.14
C HIS A 291 -25.16 7.94 -21.88
N ILE A 292 -24.10 7.10 -21.89
CA ILE A 292 -22.77 7.60 -21.57
C ILE A 292 -21.82 7.42 -22.72
N ALA A 293 -21.63 6.17 -23.21
CA ALA A 293 -20.65 5.94 -24.26
C ALA A 293 -21.05 6.51 -25.63
N MET A 294 -22.28 6.25 -26.11
CA MET A 294 -22.71 6.76 -27.42
C MET A 294 -22.60 8.28 -27.52
N PRO A 295 -23.04 9.10 -26.53
CA PRO A 295 -22.90 10.57 -26.67
C PRO A 295 -21.45 11.02 -26.77
N ILE A 296 -20.50 10.31 -26.14
CA ILE A 296 -19.06 10.63 -26.23
C ILE A 296 -18.58 10.39 -27.68
N TYR A 297 -18.88 9.20 -28.24
CA TYR A 297 -18.42 8.92 -29.60
C TYR A 297 -19.18 9.72 -30.65
N LYS A 298 -20.39 10.17 -30.30
CA LYS A 298 -21.17 11.03 -31.23
C LYS A 298 -20.47 12.42 -31.26
N LEU A 299 -20.07 12.95 -30.09
CA LEU A 299 -19.28 14.22 -30.03
C LEU A 299 -17.96 14.07 -30.79
N LEU A 300 -17.28 12.91 -30.62
CA LEU A 300 -16.03 12.62 -31.33
C LEU A 300 -16.30 12.67 -32.85
N GLN A 301 -17.39 12.03 -33.32
CA GLN A 301 -17.77 12.07 -34.74
C GLN A 301 -18.11 13.50 -35.22
N ASP A 302 -18.80 14.29 -34.37
CA ASP A 302 -19.13 15.69 -34.71
C ASP A 302 -17.87 16.49 -34.96
N LEU A 303 -16.83 16.25 -34.17
CA LEU A 303 -15.57 16.98 -34.29
C LEU A 303 -14.62 16.39 -35.36
N PHE A 304 -14.66 15.09 -35.55
CA PHE A 304 -13.81 14.38 -36.51
C PHE A 304 -14.67 13.43 -37.35
N PRO A 305 -15.08 13.82 -38.57
CA PRO A 305 -15.91 12.90 -39.38
C PRO A 305 -15.32 11.49 -39.58
N LYS A 306 -13.97 11.36 -39.58
CA LYS A 306 -13.28 10.06 -39.68
C LYS A 306 -13.53 9.14 -38.48
N ALA A 307 -14.08 9.68 -37.36
CA ALA A 307 -14.43 8.89 -36.17
C ALA A 307 -15.83 8.27 -36.28
N ALA A 308 -16.54 8.48 -37.41
CA ALA A 308 -17.87 7.91 -37.57
C ALA A 308 -17.93 6.40 -37.35
N GLU A 309 -16.92 5.64 -37.84
CA GLU A 309 -16.91 4.18 -37.65
C GLU A 309 -16.89 3.75 -36.18
N LEU A 310 -16.33 4.61 -35.29
CA LEU A 310 -16.24 4.33 -33.85
C LEU A 310 -17.62 4.41 -33.23
N TYR A 311 -18.34 5.52 -33.50
CA TYR A 311 -19.71 5.70 -33.02
C TYR A 311 -20.61 4.56 -33.57
N GLU A 312 -20.47 4.21 -34.86
CA GLU A 312 -21.28 3.14 -35.50
C GLU A 312 -21.07 1.78 -34.83
N ARG A 313 -19.82 1.46 -34.40
CA ARG A 313 -19.50 0.23 -33.69
C ARG A 313 -20.12 0.23 -32.28
N VAL A 314 -19.99 1.36 -31.56
CA VAL A 314 -20.60 1.48 -30.21
C VAL A 314 -22.14 1.30 -30.33
N ALA A 315 -22.78 1.97 -31.30
CA ALA A 315 -24.22 1.82 -31.55
C ALA A 315 -24.58 0.36 -31.89
N SER A 316 -23.76 -0.30 -32.72
CA SER A 316 -23.95 -1.72 -33.10
C SER A 316 -23.85 -2.65 -31.88
N ASN A 317 -22.88 -2.37 -30.98
CA ASN A 317 -22.71 -3.15 -29.75
C ASN A 317 -23.89 -2.93 -28.79
N ARG A 318 -24.42 -1.69 -28.74
CA ARG A 318 -25.58 -1.33 -27.92
C ARG A 318 -26.80 -2.15 -28.40
N GLU A 319 -26.99 -2.22 -29.73
CA GLU A 319 -28.08 -2.99 -30.34
C GLU A 319 -27.97 -4.47 -30.02
N HIS A 320 -26.73 -5.00 -30.00
CA HIS A 320 -26.50 -6.42 -29.67
C HIS A 320 -26.92 -6.76 -28.24
N TRP A 321 -26.76 -5.81 -27.28
CA TRP A 321 -27.23 -6.03 -25.91
C TRP A 321 -28.75 -6.22 -25.87
N THR A 322 -29.51 -5.45 -26.69
CA THR A 322 -30.96 -5.59 -26.77
C THR A 322 -31.29 -6.97 -27.34
N LYS A 323 -30.52 -7.42 -28.34
CA LYS A 323 -30.73 -8.69 -29.02
C LYS A 323 -30.52 -9.91 -28.12
N VAL A 324 -29.55 -9.85 -27.17
CA VAL A 324 -29.24 -10.99 -26.30
C VAL A 324 -29.84 -10.85 -24.87
N SER A 325 -30.52 -9.74 -24.54
CA SER A 325 -31.12 -9.47 -23.21
C SER A 325 -32.03 -10.62 -22.75
N HIS A 326 -32.82 -11.17 -23.69
CA HIS A 326 -33.74 -12.28 -23.41
C HIS A 326 -33.03 -13.51 -22.80
N LYS A 327 -31.73 -13.71 -23.10
CA LYS A 327 -30.95 -14.86 -22.60
C LYS A 327 -30.75 -14.83 -21.10
N PHE A 328 -30.93 -13.66 -20.46
CA PHE A 328 -30.79 -13.55 -19.02
C PHE A 328 -32.02 -14.08 -18.28
N THR A 329 -33.07 -14.51 -19.01
CA THR A 329 -34.23 -15.12 -18.38
C THR A 329 -34.07 -16.61 -18.67
N ILE A 330 -34.11 -17.48 -17.65
CA ILE A 330 -33.98 -18.92 -17.87
C ILE A 330 -35.27 -19.52 -18.44
N ARG A 331 -35.23 -19.89 -19.72
CA ARG A 331 -36.35 -20.55 -20.40
C ARG A 331 -35.95 -22.01 -20.48
N GLY A 332 -36.92 -22.89 -20.30
CA GLY A 332 -36.68 -24.32 -20.21
C GLY A 332 -35.91 -24.61 -18.93
N LEU A 333 -35.01 -25.58 -18.98
CA LEU A 333 -34.20 -25.95 -17.82
C LEU A 333 -32.80 -25.40 -17.96
N PRO A 334 -32.03 -25.24 -16.87
CA PRO A 334 -30.62 -24.83 -17.02
C PRO A 334 -29.84 -25.95 -17.76
N SER A 335 -28.62 -25.65 -18.25
CA SER A 335 -27.76 -26.60 -19.00
C SER A 335 -27.62 -27.99 -18.36
N ASN A 336 -27.46 -28.04 -17.03
CA ASN A 336 -27.30 -29.29 -16.27
C ASN A 336 -28.61 -30.04 -15.99
N ASN A 337 -29.76 -29.56 -16.55
CA ASN A 337 -31.11 -30.14 -16.38
C ASN A 337 -31.53 -30.18 -14.93
N SER A 338 -30.96 -29.30 -14.11
CA SER A 338 -31.27 -29.33 -12.69
C SER A 338 -31.98 -28.08 -12.21
N LEU A 339 -32.93 -28.26 -11.27
CA LEU A 339 -33.60 -27.13 -10.62
C LEU A 339 -33.02 -26.96 -9.21
N ASP A 340 -31.83 -27.58 -8.94
CA ASP A 340 -31.11 -27.53 -7.65
C ASP A 340 -30.87 -26.11 -7.19
N PHE A 341 -30.57 -25.19 -8.14
CA PHE A 341 -30.35 -23.76 -7.91
C PHE A 341 -31.52 -23.07 -7.19
N LEU A 342 -32.73 -23.69 -7.20
CA LEU A 342 -33.92 -23.14 -6.54
C LEU A 342 -33.86 -23.24 -5.02
N ASP B 5 33.49 -39.28 1.27
CA ASP B 5 34.01 -39.25 -0.10
C ASP B 5 33.33 -40.28 -1.02
N ASP B 6 33.12 -41.50 -0.53
CA ASP B 6 32.48 -42.55 -1.34
C ASP B 6 30.99 -42.26 -1.60
N GLU B 7 30.26 -41.75 -0.58
CA GLU B 7 28.84 -41.42 -0.68
C GLU B 7 28.57 -40.20 -1.56
N TYR B 8 29.40 -39.13 -1.44
CA TYR B 8 29.12 -37.97 -2.27
C TYR B 8 29.58 -38.21 -3.73
N THR B 9 30.72 -38.90 -3.95
CA THR B 9 31.14 -39.22 -5.33
C THR B 9 30.10 -40.14 -5.95
N LYS B 10 29.54 -41.08 -5.18
CA LYS B 10 28.47 -41.95 -5.69
C LYS B 10 27.28 -41.09 -6.15
N LEU B 11 26.85 -40.13 -5.31
CA LEU B 11 25.71 -39.26 -5.67
C LEU B 11 25.98 -38.40 -6.89
N LEU B 12 27.21 -37.88 -7.03
CA LEU B 12 27.60 -36.99 -8.12
C LEU B 12 28.34 -37.60 -9.32
N HIS B 13 28.55 -38.93 -9.35
CA HIS B 13 29.34 -39.55 -10.45
C HIS B 13 28.78 -39.31 -11.88
N ASP B 14 27.48 -39.07 -12.02
CA ASP B 14 26.84 -38.83 -13.30
C ASP B 14 26.32 -37.37 -13.38
N GLY B 15 26.90 -36.51 -12.54
CA GLY B 15 26.51 -35.10 -12.49
C GLY B 15 25.11 -34.93 -11.93
N ILE B 16 24.59 -33.71 -12.02
CA ILE B 16 23.23 -33.40 -11.54
C ILE B 16 22.29 -33.57 -12.74
N GLN B 17 21.28 -34.44 -12.60
CA GLN B 17 20.32 -34.75 -13.65
C GLN B 17 19.43 -33.54 -13.97
N PRO B 18 19.15 -33.18 -15.26
CA PRO B 18 18.17 -32.11 -15.51
C PRO B 18 16.79 -32.62 -15.07
N VAL B 19 15.91 -31.73 -14.57
CA VAL B 19 14.57 -32.15 -14.10
C VAL B 19 13.76 -32.87 -15.19
N ALA B 20 13.89 -32.43 -16.46
CA ALA B 20 13.18 -33.04 -17.60
C ALA B 20 13.41 -34.55 -17.69
N ALA B 21 14.59 -35.01 -17.24
CA ALA B 21 14.97 -36.42 -17.28
C ALA B 21 14.38 -37.24 -16.14
N ILE B 22 13.92 -36.59 -15.04
CA ILE B 22 13.29 -37.30 -13.91
C ILE B 22 11.91 -37.79 -14.37
N ASP B 23 11.07 -36.85 -14.82
CA ASP B 23 9.71 -37.08 -15.30
C ASP B 23 9.30 -35.86 -16.12
N SER B 24 8.53 -36.07 -17.21
CA SER B 24 8.06 -34.96 -18.06
C SER B 24 7.08 -34.04 -17.30
N ASN B 25 6.42 -34.60 -16.27
CA ASN B 25 5.42 -33.92 -15.44
C ASN B 25 5.99 -33.47 -14.07
N PHE B 26 7.33 -33.55 -13.87
CA PHE B 26 7.97 -33.20 -12.58
C PHE B 26 7.65 -31.79 -12.06
N ALA B 27 7.49 -30.78 -12.95
CA ALA B 27 7.21 -29.41 -12.53
C ALA B 27 5.71 -29.04 -12.52
N SER B 28 4.82 -30.06 -12.58
CA SER B 28 3.38 -29.85 -12.59
C SER B 28 2.73 -30.08 -11.23
N PHE B 29 1.67 -29.33 -10.91
CA PHE B 29 0.92 -29.52 -9.66
C PHE B 29 0.25 -30.92 -9.61
N THR B 30 0.14 -31.62 -10.76
CA THR B 30 -0.45 -32.95 -10.78
C THR B 30 0.57 -34.02 -10.38
N TYR B 31 1.87 -33.69 -10.38
CA TYR B 31 2.91 -34.65 -10.04
C TYR B 31 2.86 -35.05 -8.56
N THR B 32 3.03 -36.34 -8.29
CA THR B 32 3.05 -36.84 -6.90
C THR B 32 4.48 -37.24 -6.56
N PRO B 33 5.20 -36.39 -5.80
CA PRO B 33 6.60 -36.69 -5.50
C PRO B 33 6.84 -37.98 -4.74
N ARG B 34 5.81 -38.47 -4.01
CA ARG B 34 5.90 -39.76 -3.31
C ARG B 34 6.04 -40.94 -4.27
N SER B 35 5.77 -40.72 -5.57
CA SER B 35 5.91 -41.73 -6.64
C SER B 35 7.38 -42.00 -6.95
N LEU B 36 8.25 -41.03 -6.64
CA LEU B 36 9.66 -41.16 -6.92
C LEU B 36 10.33 -42.14 -5.94
N PRO B 37 11.11 -43.14 -6.43
CA PRO B 37 11.79 -44.06 -5.50
C PRO B 37 12.65 -43.28 -4.51
N GLU B 38 12.64 -43.70 -3.24
CA GLU B 38 13.39 -43.03 -2.18
C GLU B 38 14.88 -42.87 -2.52
N ASP B 39 15.48 -43.85 -3.22
CA ASP B 39 16.89 -43.80 -3.59
C ASP B 39 17.22 -42.74 -4.63
N ASP B 40 16.21 -42.18 -5.32
CA ASP B 40 16.37 -41.12 -6.32
C ASP B 40 16.07 -39.71 -5.76
N THR B 41 15.57 -39.61 -4.51
CA THR B 41 15.15 -38.32 -3.93
C THR B 41 16.31 -37.34 -3.70
N SER B 42 17.48 -37.81 -3.25
CA SER B 42 18.63 -36.90 -3.02
C SER B 42 19.07 -36.26 -4.33
N MET B 43 19.12 -37.05 -5.42
CA MET B 43 19.45 -36.48 -6.73
C MET B 43 18.35 -35.50 -7.16
N ALA B 44 17.05 -35.82 -6.89
CA ALA B 44 15.95 -34.93 -7.26
C ALA B 44 16.08 -33.56 -6.53
N ILE B 45 16.55 -33.54 -5.25
CA ILE B 45 16.76 -32.29 -4.52
C ILE B 45 17.81 -31.47 -5.28
N LEU B 46 18.93 -32.11 -5.63
CA LEU B 46 20.00 -31.42 -6.39
C LEU B 46 19.46 -30.91 -7.71
N SER B 47 18.65 -31.72 -8.43
CA SER B 47 18.05 -31.30 -9.72
C SER B 47 17.17 -30.06 -9.55
N MET B 48 16.37 -30.02 -8.49
CA MET B 48 15.48 -28.88 -8.26
C MET B 48 16.28 -27.62 -7.92
N LEU B 49 17.33 -27.77 -7.09
CA LEU B 49 18.18 -26.62 -6.74
C LEU B 49 18.88 -26.09 -7.98
N GLN B 50 19.34 -26.99 -8.86
CA GLN B 50 19.98 -26.61 -10.14
C GLN B 50 18.96 -25.94 -11.06
N ASP B 51 17.74 -26.50 -11.17
CA ASP B 51 16.69 -25.93 -12.04
C ASP B 51 16.25 -24.53 -11.59
N MET B 52 16.28 -24.26 -10.27
CA MET B 52 15.95 -22.95 -9.69
C MET B 52 17.18 -22.01 -9.75
N ASN B 53 18.30 -22.54 -10.23
CA ASN B 53 19.61 -21.91 -10.45
C ASN B 53 20.26 -21.43 -9.15
N PHE B 54 19.89 -21.99 -8.00
CA PHE B 54 20.50 -21.57 -6.74
C PHE B 54 21.94 -22.01 -6.59
N ILE B 55 22.31 -23.13 -7.21
CA ILE B 55 23.70 -23.61 -7.10
C ILE B 55 24.65 -22.59 -7.76
N ASN B 56 24.31 -22.14 -8.97
CA ASN B 56 25.15 -21.17 -9.68
C ASN B 56 24.99 -19.77 -9.09
N ASN B 57 23.75 -19.42 -8.74
N ASN B 57 23.75 -19.36 -8.74
CA ASN B 57 23.41 -18.13 -8.15
CA ASN B 57 23.53 -18.00 -8.23
C ASN B 57 24.31 -17.87 -6.95
C ASN B 57 24.20 -17.76 -6.86
N TYR B 58 24.30 -18.79 -5.98
CA TYR B 58 25.00 -18.68 -4.69
C TYR B 58 26.35 -19.35 -4.64
N LYS B 59 26.86 -19.86 -5.77
CA LYS B 59 28.18 -20.52 -5.87
C LYS B 59 28.29 -21.59 -4.80
N ILE B 60 27.24 -22.42 -4.71
CA ILE B 60 27.21 -23.52 -3.75
C ILE B 60 28.19 -24.59 -4.21
N ASP B 61 29.00 -25.10 -3.26
CA ASP B 61 29.95 -26.16 -3.53
C ASP B 61 29.17 -27.46 -3.68
N CYS B 62 29.25 -28.11 -4.87
CA CYS B 62 28.44 -29.32 -5.09
C CYS B 62 28.81 -30.48 -4.15
N PRO B 63 30.11 -30.79 -3.86
CA PRO B 63 30.39 -31.84 -2.86
C PRO B 63 29.77 -31.50 -1.50
N THR B 64 29.87 -30.23 -1.03
CA THR B 64 29.26 -29.82 0.26
C THR B 64 27.73 -30.00 0.20
N LEU B 65 27.10 -29.59 -0.92
CA LEU B 65 25.65 -29.73 -1.08
C LEU B 65 25.24 -31.19 -1.06
N ALA B 66 25.99 -32.07 -1.76
CA ALA B 66 25.67 -33.50 -1.76
C ALA B 66 25.76 -34.03 -0.32
N ARG B 67 26.82 -33.67 0.44
CA ARG B 67 26.98 -34.15 1.83
C ARG B 67 25.84 -33.62 2.71
N PHE B 68 25.50 -32.34 2.54
CA PHE B 68 24.38 -31.70 3.27
C PHE B 68 23.07 -32.44 3.02
N CYS B 69 22.73 -32.63 1.73
CA CYS B 69 21.51 -33.37 1.33
C CYS B 69 21.45 -34.77 1.96
N LEU B 70 22.57 -35.51 1.91
CA LEU B 70 22.61 -36.87 2.49
C LEU B 70 22.43 -36.84 4.00
N MET B 71 23.03 -35.84 4.65
CA MET B 71 22.93 -35.69 6.11
C MET B 71 21.50 -35.31 6.52
N VAL B 72 20.82 -34.47 5.74
CA VAL B 72 19.44 -34.08 6.05
C VAL B 72 18.54 -35.32 5.91
N LYS B 73 18.72 -36.09 4.84
CA LYS B 73 17.95 -37.31 4.60
C LYS B 73 18.13 -38.29 5.78
N LYS B 74 19.39 -38.48 6.22
CA LYS B 74 19.76 -39.40 7.32
C LYS B 74 19.22 -38.89 8.68
N GLY B 75 18.97 -37.60 8.76
CA GLY B 75 18.48 -36.90 9.94
C GLY B 75 17.01 -37.10 10.24
N TYR B 76 16.28 -37.80 9.33
CA TYR B 76 14.89 -38.16 9.54
C TYR B 76 14.81 -39.60 10.01
N ARG B 77 13.92 -39.85 10.95
CA ARG B 77 13.67 -41.18 11.49
C ARG B 77 12.62 -41.83 10.61
N ASP B 78 12.06 -42.98 11.06
CA ASP B 78 11.08 -43.65 10.20
C ASP B 78 9.72 -43.85 10.88
N PRO B 79 9.08 -42.79 11.45
CA PRO B 79 7.69 -42.98 11.90
C PRO B 79 6.81 -43.03 10.61
N PRO B 80 5.54 -43.46 10.68
CA PRO B 80 4.74 -43.61 9.45
C PRO B 80 4.62 -42.36 8.55
N TYR B 81 4.47 -41.17 9.15
CA TYR B 81 4.29 -39.97 8.35
C TYR B 81 5.49 -39.04 8.35
N HIS B 82 6.02 -38.70 9.54
CA HIS B 82 7.08 -37.70 9.64
C HIS B 82 8.47 -38.26 9.37
N ASN B 83 8.66 -38.68 8.12
CA ASN B 83 9.92 -39.28 7.68
C ASN B 83 10.48 -38.46 6.52
N TRP B 84 11.60 -38.91 5.93
CA TRP B 84 12.21 -38.16 4.83
C TRP B 84 11.29 -37.96 3.64
N MET B 85 10.46 -38.98 3.29
CA MET B 85 9.55 -38.80 2.13
C MET B 85 8.57 -37.66 2.36
N HIS B 86 8.19 -37.37 3.63
CA HIS B 86 7.37 -36.18 3.91
C HIS B 86 8.23 -34.92 3.60
N ALA B 87 9.44 -34.83 4.17
CA ALA B 87 10.30 -33.65 3.91
C ALA B 87 10.60 -33.48 2.42
N PHE B 88 10.81 -34.57 1.70
CA PHE B 88 11.07 -34.52 0.26
C PHE B 88 9.84 -33.98 -0.49
N SER B 89 8.64 -34.50 -0.19
N SER B 89 8.65 -34.49 -0.17
CA SER B 89 7.42 -34.05 -0.86
CA SER B 89 7.40 -34.08 -0.80
C SER B 89 7.10 -32.59 -0.55
C SER B 89 7.07 -32.62 -0.52
N VAL B 90 7.43 -32.14 0.68
CA VAL B 90 7.21 -30.74 1.09
C VAL B 90 8.18 -29.83 0.28
N SER B 91 9.44 -30.24 0.14
CA SER B 91 10.47 -29.54 -0.64
C SER B 91 10.06 -29.50 -2.10
N HIS B 92 9.52 -30.63 -2.63
CA HIS B 92 9.07 -30.69 -4.01
C HIS B 92 7.96 -29.65 -4.26
N PHE B 93 7.03 -29.52 -3.31
CA PHE B 93 5.97 -28.53 -3.45
C PHE B 93 6.49 -27.11 -3.49
N CYS B 94 7.53 -26.83 -2.69
CA CYS B 94 8.19 -25.52 -2.73
C CYS B 94 8.68 -25.22 -4.14
N TYR B 95 9.35 -26.20 -4.75
CA TYR B 95 9.83 -26.13 -6.11
C TYR B 95 8.65 -25.89 -7.08
N LEU B 96 7.52 -26.59 -6.90
CA LEU B 96 6.34 -26.37 -7.76
C LEU B 96 5.82 -24.93 -7.64
N LEU B 97 5.80 -24.39 -6.43
CA LEU B 97 5.38 -22.99 -6.22
C LEU B 97 6.32 -22.04 -6.98
N TYR B 98 7.64 -22.29 -6.91
CA TYR B 98 8.63 -21.49 -7.64
C TYR B 98 8.35 -21.54 -9.14
N LYS B 99 8.12 -22.75 -9.68
CA LYS B 99 7.93 -22.94 -11.12
C LYS B 99 6.60 -22.44 -11.65
N ASN B 100 5.54 -22.56 -10.87
CA ASN B 100 4.18 -22.24 -11.32
C ASN B 100 3.65 -20.88 -10.90
N LEU B 101 4.05 -20.41 -9.71
CA LEU B 101 3.55 -19.12 -9.19
C LEU B 101 4.50 -17.94 -9.41
N GLU B 102 5.69 -18.18 -10.03
CA GLU B 102 6.68 -17.11 -10.31
C GLU B 102 7.02 -16.34 -9.03
N LEU B 103 7.43 -17.07 -7.98
CA LEU B 103 7.76 -16.50 -6.67
C LEU B 103 8.78 -15.35 -6.72
N THR B 104 9.68 -15.32 -7.74
CA THR B 104 10.70 -14.29 -7.91
C THR B 104 10.11 -12.89 -8.10
N ASN B 105 8.80 -12.81 -8.45
CA ASN B 105 8.11 -11.53 -8.60
C ASN B 105 7.63 -11.01 -7.25
N TYR B 106 7.73 -11.83 -6.17
CA TYR B 106 7.20 -11.50 -4.85
C TYR B 106 8.27 -11.50 -3.77
N LEU B 107 9.25 -12.41 -3.89
CA LEU B 107 10.25 -12.58 -2.85
C LEU B 107 11.67 -12.43 -3.38
N GLU B 108 12.62 -12.20 -2.46
CA GLU B 108 14.04 -12.10 -2.83
C GLU B 108 14.54 -13.53 -3.09
N ASP B 109 15.54 -13.68 -3.95
CA ASP B 109 16.13 -15.00 -4.22
C ASP B 109 16.57 -15.68 -2.92
N ILE B 110 17.20 -14.94 -2.02
CA ILE B 110 17.68 -15.53 -0.77
C ILE B 110 16.52 -16.09 0.09
N GLU B 111 15.34 -15.42 0.03
CA GLU B 111 14.17 -15.85 0.80
C GLU B 111 13.62 -17.15 0.23
N ILE B 112 13.57 -17.27 -1.09
CA ILE B 112 13.07 -18.48 -1.78
C ILE B 112 14.03 -19.64 -1.49
N PHE B 113 15.33 -19.38 -1.59
CA PHE B 113 16.36 -20.39 -1.30
C PHE B 113 16.19 -20.87 0.17
N ALA B 114 16.00 -19.93 1.12
CA ALA B 114 15.81 -20.27 2.53
C ALA B 114 14.54 -21.10 2.72
N LEU B 115 13.49 -20.76 1.97
CA LEU B 115 12.23 -21.50 2.08
C LEU B 115 12.44 -22.96 1.63
N PHE B 116 13.16 -23.17 0.54
CA PHE B 116 13.41 -24.54 0.04
C PHE B 116 14.26 -25.34 1.03
N ILE B 117 15.35 -24.75 1.55
CA ILE B 117 16.19 -25.46 2.53
C ILE B 117 15.39 -25.74 3.81
N SER B 118 14.56 -24.76 4.23
CA SER B 118 13.69 -24.95 5.41
C SER B 118 12.75 -26.11 5.18
N CYS B 119 12.13 -26.20 4.00
CA CYS B 119 11.27 -27.36 3.69
C CYS B 119 12.02 -28.69 3.91
N MET B 120 13.25 -28.80 3.44
CA MET B 120 14.05 -30.04 3.61
C MET B 120 14.23 -30.39 5.07
N CYS B 121 14.47 -29.37 5.92
CA CYS B 121 14.87 -29.51 7.33
C CYS B 121 13.74 -29.44 8.33
N HIS B 122 12.55 -29.05 7.90
CA HIS B 122 11.51 -28.55 8.81
C HIS B 122 11.00 -29.55 9.85
N ASP B 123 11.17 -30.88 9.65
CA ASP B 123 10.74 -31.90 10.63
C ASP B 123 11.91 -32.80 11.07
N LEU B 124 13.17 -32.33 10.93
CA LEU B 124 14.34 -33.13 11.27
C LEU B 124 14.23 -33.81 12.60
N ASP B 125 14.55 -35.12 12.64
CA ASP B 125 14.58 -35.89 13.88
C ASP B 125 13.23 -36.00 14.56
N HIS B 126 12.14 -35.90 13.76
CA HIS B 126 10.81 -36.09 14.34
C HIS B 126 10.71 -37.56 14.78
N ARG B 127 10.14 -37.82 15.92
CA ARG B 127 10.08 -39.20 16.43
C ARG B 127 8.67 -39.81 16.37
N GLY B 128 7.78 -39.25 15.55
CA GLY B 128 6.43 -39.78 15.44
C GLY B 128 5.54 -39.47 16.62
N THR B 129 5.99 -38.57 17.49
CA THR B 129 5.21 -38.11 18.64
C THR B 129 5.08 -36.63 18.42
N ASN B 130 3.88 -36.11 18.69
CA ASN B 130 3.58 -34.70 18.50
C ASN B 130 4.59 -33.84 19.18
N ASN B 131 4.90 -34.15 20.45
CA ASN B 131 5.92 -33.45 21.21
C ASN B 131 6.79 -34.44 22.02
N SER B 132 8.04 -34.66 21.58
CA SER B 132 8.99 -35.54 22.29
C SER B 132 9.72 -34.74 23.39
N PHE B 133 9.44 -33.42 23.51
CA PHE B 133 10.15 -32.53 24.45
C PHE B 133 9.20 -31.82 25.41
N GLN B 134 8.37 -32.62 26.09
CA GLN B 134 7.35 -32.24 27.07
C GLN B 134 7.95 -31.52 28.29
N SER B 146 9.22 -23.88 27.37
CA SER B 146 7.92 -24.52 27.31
C SER B 146 6.75 -23.54 27.27
N SER B 147 6.79 -22.48 28.09
CA SER B 147 5.75 -21.44 28.15
C SER B 147 5.66 -20.65 26.83
N GLU B 148 6.73 -20.71 25.99
CA GLU B 148 6.83 -20.03 24.68
C GLU B 148 6.24 -20.89 23.55
N GLY B 149 6.31 -22.22 23.70
CA GLY B 149 5.79 -23.17 22.71
C GLY B 149 6.76 -23.47 21.57
N SER B 150 6.24 -24.11 20.53
CA SER B 150 7.00 -24.55 19.35
C SER B 150 8.28 -25.31 19.70
N VAL B 151 8.27 -26.13 20.76
CA VAL B 151 9.51 -26.81 21.14
C VAL B 151 9.98 -27.78 20.05
N MET B 152 9.07 -28.52 19.39
CA MET B 152 9.50 -29.45 18.33
C MET B 152 10.15 -28.70 17.18
N GLU B 153 9.52 -27.61 16.77
CA GLU B 153 10.00 -26.76 15.68
C GLU B 153 11.36 -26.14 16.02
N ARG B 154 11.58 -25.81 17.30
CA ARG B 154 12.87 -25.28 17.76
C ARG B 154 13.91 -26.40 17.65
N HIS B 155 13.54 -27.66 17.97
CA HIS B 155 14.42 -28.83 17.83
C HIS B 155 14.76 -29.06 16.37
N HIS B 156 13.76 -28.99 15.44
CA HIS B 156 14.00 -29.19 14.01
C HIS B 156 15.03 -28.18 13.50
N PHE B 157 14.89 -26.91 13.89
CA PHE B 157 15.85 -25.87 13.49
C PHE B 157 17.23 -26.16 14.11
N ALA B 158 17.28 -26.54 15.40
CA ALA B 158 18.55 -26.86 16.08
C ALA B 158 19.27 -28.02 15.36
N GLN B 159 18.50 -29.02 14.86
CA GLN B 159 19.09 -30.15 14.15
C GLN B 159 19.67 -29.69 12.83
N ALA B 160 18.97 -28.74 12.15
CA ALA B 160 19.47 -28.17 10.88
C ALA B 160 20.79 -27.46 11.11
N ILE B 161 20.88 -26.68 12.19
CA ILE B 161 22.13 -25.99 12.58
C ILE B 161 23.26 -27.01 12.84
N ALA B 162 22.93 -28.11 13.55
CA ALA B 162 23.93 -29.16 13.85
C ALA B 162 24.48 -29.81 12.58
N ILE B 163 23.61 -29.96 11.55
CA ILE B 163 24.05 -30.50 10.26
C ILE B 163 24.96 -29.47 9.58
N LEU B 164 24.56 -28.20 9.55
CA LEU B 164 25.41 -27.16 8.92
C LEU B 164 26.76 -27.10 9.57
N ASN B 165 26.80 -27.31 10.88
CA ASN B 165 28.03 -27.28 11.68
C ASN B 165 28.81 -28.62 11.70
N THR B 166 28.37 -29.60 10.88
CA THR B 166 29.07 -30.86 10.71
C THR B 166 30.13 -30.61 9.64
N HIS B 167 31.35 -31.10 9.86
CA HIS B 167 32.46 -30.91 8.94
C HIS B 167 32.09 -31.35 7.53
N GLY B 168 32.31 -30.44 6.58
CA GLY B 168 32.03 -30.65 5.15
C GLY B 168 30.58 -30.48 4.73
N CYS B 169 29.69 -30.02 5.62
CA CYS B 169 28.25 -29.88 5.30
C CYS B 169 27.74 -28.44 5.28
N ASN B 170 28.59 -27.45 5.52
CA ASN B 170 28.09 -26.09 5.60
C ASN B 170 27.97 -25.47 4.25
N ILE B 171 26.81 -25.65 3.60
CA ILE B 171 26.54 -25.11 2.26
C ILE B 171 26.59 -23.57 2.16
N PHE B 172 26.53 -22.87 3.31
CA PHE B 172 26.56 -21.40 3.35
C PHE B 172 27.87 -20.83 3.93
N ASP B 173 28.93 -21.65 4.13
CA ASP B 173 30.11 -21.13 4.82
C ASP B 173 30.97 -20.14 4.00
N HIS B 174 30.64 -19.90 2.72
CA HIS B 174 31.31 -18.88 1.90
C HIS B 174 30.45 -17.60 1.82
N PHE B 175 29.24 -17.60 2.45
CA PHE B 175 28.35 -16.43 2.45
C PHE B 175 29.01 -15.31 3.28
N SER B 176 28.66 -14.04 2.98
CA SER B 176 29.11 -12.91 3.75
C SER B 176 28.51 -13.04 5.16
N ARG B 177 29.07 -12.30 6.14
CA ARG B 177 28.60 -12.29 7.53
C ARG B 177 27.11 -11.95 7.56
N LYS B 178 26.69 -10.94 6.79
CA LYS B 178 25.31 -10.46 6.69
C LYS B 178 24.39 -11.55 6.11
N ASP B 179 24.76 -12.14 4.97
CA ASP B 179 23.94 -13.17 4.31
C ASP B 179 23.87 -14.46 5.09
N TYR B 180 24.96 -14.84 5.78
CA TYR B 180 24.95 -16.07 6.59
C TYR B 180 23.92 -15.93 7.73
N GLN B 181 23.95 -14.79 8.43
CA GLN B 181 23.02 -14.53 9.53
C GLN B 181 21.59 -14.41 9.00
N ARG B 182 21.41 -13.76 7.84
CA ARG B 182 20.10 -13.62 7.22
C ARG B 182 19.52 -15.01 6.90
N MET B 183 20.34 -15.91 6.31
CA MET B 183 19.90 -17.26 5.96
C MET B 183 19.46 -18.04 7.19
N LEU B 184 20.27 -18.03 8.25
CA LEU B 184 19.94 -18.77 9.48
C LEU B 184 18.70 -18.20 10.18
N ASP B 185 18.52 -16.87 10.14
CA ASP B 185 17.32 -16.22 10.72
C ASP B 185 16.07 -16.59 9.89
N LEU B 186 16.20 -16.63 8.56
CA LEU B 186 15.08 -17.02 7.68
C LEU B 186 14.70 -18.46 7.94
N MET B 187 15.70 -19.38 8.03
CA MET B 187 15.40 -20.80 8.31
C MET B 187 14.69 -20.95 9.65
N ARG B 188 15.15 -20.23 10.66
CA ARG B 188 14.50 -20.30 11.98
C ARG B 188 13.05 -19.85 11.89
N ASP B 189 12.81 -18.65 11.33
CA ASP B 189 11.46 -18.08 11.25
C ASP B 189 10.52 -18.96 10.42
N ILE B 190 11.04 -19.50 9.32
CA ILE B 190 10.23 -20.35 8.43
C ILE B 190 9.90 -21.70 9.12
N ILE B 191 10.87 -22.34 9.75
CA ILE B 191 10.61 -23.61 10.45
C ILE B 191 9.64 -23.36 11.63
N LEU B 192 9.78 -22.25 12.35
CA LEU B 192 8.84 -21.95 13.46
C LEU B 192 7.41 -21.70 12.94
N ALA B 193 7.26 -21.28 11.66
CA ALA B 193 5.94 -21.05 11.06
C ALA B 193 5.18 -22.36 10.85
N THR B 194 5.85 -23.54 10.98
CA THR B 194 5.17 -24.84 10.79
C THR B 194 4.39 -25.27 12.02
N ASP B 195 4.49 -24.51 13.13
CA ASP B 195 3.70 -24.82 14.31
C ASP B 195 2.28 -24.26 14.06
N LEU B 196 1.25 -25.11 14.18
CA LEU B 196 -0.13 -24.65 14.03
C LEU B 196 -0.41 -23.44 14.91
N ALA B 197 0.14 -23.41 16.14
CA ALA B 197 -0.07 -22.28 17.07
C ALA B 197 0.41 -20.96 16.44
N HIS B 198 1.54 -20.99 15.70
CA HIS B 198 2.08 -19.81 15.01
C HIS B 198 1.12 -19.39 13.89
N HIS B 199 0.70 -20.33 13.04
CA HIS B 199 -0.23 -20.07 11.93
C HIS B 199 -1.52 -19.44 12.44
N LEU B 200 -2.09 -19.97 13.53
CA LEU B 200 -3.31 -19.41 14.10
C LEU B 200 -3.12 -17.98 14.62
N ARG B 201 -1.94 -17.67 15.19
CA ARG B 201 -1.63 -16.34 15.69
C ARG B 201 -1.50 -15.31 14.55
N ILE B 202 -0.96 -15.71 13.39
CA ILE B 202 -0.74 -14.79 12.27
C ILE B 202 -1.88 -14.78 11.25
N PHE B 203 -2.86 -15.69 11.37
CA PHE B 203 -3.93 -15.85 10.40
C PHE B 203 -4.62 -14.55 10.01
N LYS B 204 -5.02 -13.72 11.01
CA LYS B 204 -5.67 -12.44 10.73
C LYS B 204 -4.75 -11.51 9.93
N ASP B 205 -3.42 -11.53 10.22
CA ASP B 205 -2.44 -10.74 9.48
C ASP B 205 -2.33 -11.21 8.03
N LEU B 206 -2.45 -12.54 7.79
CA LEU B 206 -2.42 -13.11 6.44
C LEU B 206 -3.67 -12.65 5.65
N GLN B 207 -4.84 -12.71 6.29
CA GLN B 207 -6.09 -12.25 5.68
C GLN B 207 -6.01 -10.76 5.32
N LYS B 208 -5.44 -9.92 6.24
CA LYS B 208 -5.30 -8.48 6.02
C LYS B 208 -4.41 -8.25 4.80
N MET B 209 -3.31 -9.00 4.68
CA MET B 209 -2.37 -8.90 3.55
C MET B 209 -3.08 -9.20 2.23
N ALA B 210 -3.85 -10.30 2.18
CA ALA B 210 -4.60 -10.70 0.98
C ALA B 210 -5.69 -9.64 0.64
N GLU B 211 -6.28 -9.00 1.66
CA GLU B 211 -7.29 -7.96 1.49
C GLU B 211 -6.70 -6.65 0.94
N VAL B 212 -5.61 -6.15 1.58
CA VAL B 212 -4.99 -4.88 1.17
C VAL B 212 -4.22 -5.03 -0.14
N GLY B 213 -3.76 -6.25 -0.40
CA GLY B 213 -2.95 -6.58 -1.56
C GLY B 213 -1.49 -6.70 -1.21
N TYR B 214 -0.85 -7.73 -1.75
CA TYR B 214 0.59 -7.97 -1.56
C TYR B 214 1.48 -6.83 -2.06
N ASP B 215 2.32 -6.28 -1.16
CA ASP B 215 3.25 -5.20 -1.50
C ASP B 215 4.66 -5.78 -1.44
N ARG B 216 5.31 -5.98 -2.61
CA ARG B 216 6.67 -6.51 -2.66
C ARG B 216 7.71 -5.56 -2.02
N ASN B 217 7.33 -4.32 -1.72
CA ASN B 217 8.26 -3.39 -1.05
C ASN B 217 8.03 -3.38 0.47
N ASN B 218 7.07 -4.22 0.93
CA ASN B 218 6.71 -4.29 2.35
C ASN B 218 7.39 -5.50 3.01
N LYS B 219 8.36 -5.24 3.88
CA LYS B 219 9.12 -6.30 4.56
C LYS B 219 8.23 -7.24 5.40
N GLN B 220 7.18 -6.70 6.02
CA GLN B 220 6.24 -7.54 6.78
C GLN B 220 5.46 -8.48 5.86
N HIS B 221 5.13 -8.02 4.64
CA HIS B 221 4.43 -8.87 3.67
C HIS B 221 5.34 -10.03 3.23
N HIS B 222 6.64 -9.79 3.02
CA HIS B 222 7.59 -10.89 2.67
C HIS B 222 7.59 -11.94 3.78
N ARG B 223 7.67 -11.49 5.04
N ARG B 223 7.67 -11.49 5.04
CA ARG B 223 7.66 -12.32 6.25
CA ARG B 223 7.68 -12.34 6.23
C ARG B 223 6.39 -13.20 6.30
C ARG B 223 6.39 -13.21 6.31
N LEU B 224 5.22 -12.57 6.16
CA LEU B 224 3.92 -13.26 6.19
C LEU B 224 3.78 -14.23 5.04
N LEU B 225 4.18 -13.82 3.83
CA LEU B 225 4.09 -14.71 2.67
C LEU B 225 4.95 -15.96 2.84
N LEU B 226 6.16 -15.82 3.37
CA LEU B 226 7.03 -16.99 3.60
C LEU B 226 6.36 -17.97 4.56
N CYS B 227 5.66 -17.45 5.59
CA CYS B 227 4.95 -18.31 6.54
C CYS B 227 3.85 -19.06 5.83
N LEU B 228 3.05 -18.33 5.02
CA LEU B 228 1.94 -18.92 4.28
C LEU B 228 2.45 -19.99 3.34
N LEU B 229 3.51 -19.67 2.57
CA LEU B 229 4.08 -20.66 1.63
C LEU B 229 4.58 -21.88 2.34
N MET B 230 5.27 -21.71 3.48
CA MET B 230 5.77 -22.87 4.26
C MET B 230 4.59 -23.78 4.67
N THR B 231 3.52 -23.20 5.24
CA THR B 231 2.38 -24.03 5.62
C THR B 231 1.72 -24.71 4.41
N SER B 232 1.67 -24.03 3.23
N SER B 232 1.66 -24.03 3.22
CA SER B 232 1.09 -24.61 2.00
CA SER B 232 1.07 -24.64 2.01
C SER B 232 1.95 -25.80 1.52
C SER B 232 1.95 -25.81 1.52
N CYS B 233 3.25 -25.75 1.80
CA CYS B 233 4.16 -26.84 1.44
C CYS B 233 3.91 -28.02 2.40
N ASP B 234 3.85 -27.72 3.70
CA ASP B 234 3.69 -28.74 4.75
C ASP B 234 2.38 -29.56 4.57
N LEU B 235 1.32 -28.89 4.07
CA LEU B 235 0.01 -29.54 3.89
C LEU B 235 -0.25 -29.99 2.45
N SER B 236 0.74 -29.85 1.56
CA SER B 236 0.60 -30.08 0.11
C SER B 236 0.12 -31.47 -0.31
N ASP B 237 0.23 -32.49 0.54
CA ASP B 237 -0.34 -33.81 0.14
C ASP B 237 -1.84 -33.66 -0.15
N GLN B 238 -2.51 -32.68 0.51
CA GLN B 238 -3.97 -32.46 0.33
C GLN B 238 -4.33 -31.83 -1.03
N THR B 239 -3.34 -31.34 -1.78
CA THR B 239 -3.55 -30.75 -3.11
C THR B 239 -3.39 -31.80 -4.20
N LYS B 240 -3.11 -33.07 -3.82
CA LYS B 240 -2.94 -34.13 -4.83
C LYS B 240 -4.26 -34.89 -5.04
N GLY B 241 -4.22 -35.95 -5.83
CA GLY B 241 -5.41 -36.77 -6.06
C GLY B 241 -5.89 -37.44 -4.78
N TRP B 242 -7.14 -37.92 -4.79
CA TRP B 242 -7.74 -38.58 -3.64
C TRP B 242 -6.87 -39.68 -3.03
N LYS B 243 -6.31 -40.58 -3.88
CA LYS B 243 -5.46 -41.70 -3.48
C LYS B 243 -4.31 -41.25 -2.59
N THR B 244 -3.61 -40.16 -2.96
CA THR B 244 -2.52 -39.62 -2.16
C THR B 244 -3.03 -39.20 -0.78
N THR B 245 -4.15 -38.47 -0.73
CA THR B 245 -4.69 -37.96 0.53
C THR B 245 -5.20 -39.08 1.45
N ARG B 246 -5.74 -40.15 0.83
CA ARG B 246 -6.23 -41.32 1.56
C ARG B 246 -5.04 -42.04 2.20
N LYS B 247 -3.98 -42.28 1.42
CA LYS B 247 -2.76 -42.92 1.92
C LYS B 247 -2.09 -42.09 3.00
N ILE B 248 -2.02 -40.75 2.82
CA ILE B 248 -1.40 -39.90 3.82
C ILE B 248 -2.24 -39.89 5.12
N ALA B 249 -3.57 -39.94 5.00
CA ALA B 249 -4.43 -40.03 6.19
C ALA B 249 -4.11 -41.32 6.95
N GLU B 250 -3.91 -42.46 6.23
CA GLU B 250 -3.53 -43.72 6.86
C GLU B 250 -2.25 -43.57 7.67
N LEU B 251 -1.23 -42.91 7.09
CA LEU B 251 0.06 -42.75 7.74
C LEU B 251 -0.04 -41.86 8.96
N ILE B 252 -0.79 -40.76 8.83
CA ILE B 252 -0.97 -39.80 9.93
C ILE B 252 -1.65 -40.47 11.11
N TYR B 253 -2.76 -41.16 10.88
CA TYR B 253 -3.48 -41.79 11.98
C TYR B 253 -2.73 -42.98 12.56
N LYS B 254 -1.98 -43.73 11.74
CA LYS B 254 -1.14 -44.80 12.28
C LYS B 254 -0.13 -44.20 13.26
N GLU B 255 0.50 -43.07 12.87
CA GLU B 255 1.47 -42.37 13.72
C GLU B 255 0.80 -41.86 15.01
N PHE B 256 -0.35 -41.18 14.88
CA PHE B 256 -1.11 -40.62 16.00
C PHE B 256 -1.54 -41.71 16.99
N PHE B 257 -2.06 -42.84 16.46
CA PHE B 257 -2.56 -43.92 17.31
C PHE B 257 -1.45 -44.67 18.01
N SER B 258 -0.25 -44.72 17.39
CA SER B 258 0.92 -45.34 18.04
C SER B 258 1.28 -44.52 19.26
N GLN B 259 1.22 -43.18 19.14
CA GLN B 259 1.51 -42.29 20.25
C GLN B 259 0.47 -42.50 21.32
N GLY B 260 -0.81 -42.53 20.92
CA GLY B 260 -1.93 -42.74 21.83
C GLY B 260 -1.82 -44.03 22.61
N ASP B 261 -1.47 -45.12 21.92
CA ASP B 261 -1.30 -46.47 22.51
C ASP B 261 -0.25 -46.48 23.62
N LEU B 262 0.94 -45.93 23.34
CA LEU B 262 2.04 -45.85 24.29
C LEU B 262 1.64 -44.96 25.48
N GLU B 263 0.95 -43.82 25.20
CA GLU B 263 0.42 -42.96 26.27
C GLU B 263 -0.55 -43.74 27.17
N LYS B 264 -1.43 -44.60 26.57
CA LYS B 264 -2.38 -45.43 27.36
C LYS B 264 -1.63 -46.52 28.14
N ALA B 265 -0.58 -47.11 27.53
CA ALA B 265 0.26 -48.15 28.11
C ALA B 265 0.96 -47.66 29.38
N MET B 266 1.24 -46.35 29.41
CA MET B 266 1.90 -45.65 30.50
C MET B 266 0.93 -45.03 31.54
N GLY B 267 -0.37 -45.28 31.36
CA GLY B 267 -1.42 -44.81 32.25
C GLY B 267 -1.84 -43.37 32.05
N ASN B 268 -1.44 -42.75 30.93
CA ASN B 268 -1.78 -41.37 30.62
C ASN B 268 -2.94 -41.27 29.63
N ARG B 269 -3.63 -40.13 29.62
CA ARG B 269 -4.76 -39.91 28.73
C ARG B 269 -4.36 -39.15 27.46
N PRO B 270 -4.45 -39.82 26.29
CA PRO B 270 -4.07 -39.14 25.05
C PRO B 270 -5.18 -38.21 24.58
N MET B 271 -4.89 -37.30 23.61
CA MET B 271 -5.97 -36.46 23.05
C MET B 271 -6.88 -37.40 22.24
N GLU B 272 -8.15 -37.04 22.06
CA GLU B 272 -9.14 -37.84 21.34
C GLU B 272 -8.64 -38.29 19.96
N MET B 273 -8.01 -37.38 19.19
CA MET B 273 -7.55 -37.70 17.84
C MET B 273 -6.40 -38.69 17.82
N MET B 274 -5.80 -38.97 18.98
CA MET B 274 -4.71 -39.93 19.06
C MET B 274 -5.16 -41.24 19.73
N ASP B 275 -6.44 -41.32 20.08
CA ASP B 275 -7.00 -42.49 20.73
C ASP B 275 -7.79 -43.30 19.70
N ARG B 276 -7.25 -44.46 19.30
CA ARG B 276 -7.88 -45.31 18.28
C ARG B 276 -9.26 -45.83 18.66
N GLU B 277 -9.63 -45.74 19.95
CA GLU B 277 -10.94 -46.18 20.45
C GLU B 277 -11.96 -45.04 20.41
N LYS B 278 -11.48 -43.79 20.23
CA LYS B 278 -12.33 -42.60 20.24
C LYS B 278 -12.34 -41.79 18.95
N ALA B 279 -11.17 -41.62 18.32
CA ALA B 279 -11.01 -40.84 17.09
C ALA B 279 -11.94 -41.30 15.96
N TYR B 280 -12.66 -40.39 15.33
CA TYR B 280 -13.50 -40.75 14.20
C TYR B 280 -12.90 -40.02 12.99
N ILE B 281 -12.11 -40.76 12.19
CA ILE B 281 -11.29 -40.25 11.09
C ILE B 281 -12.04 -39.33 10.10
N PRO B 282 -13.22 -39.69 9.54
CA PRO B 282 -13.85 -38.75 8.58
C PRO B 282 -14.18 -37.39 9.16
N GLU B 283 -14.63 -37.32 10.43
CA GLU B 283 -14.96 -36.05 11.08
C GLU B 283 -13.68 -35.22 11.33
N LEU B 284 -12.62 -35.90 11.79
CA LEU B 284 -11.31 -35.27 12.05
C LEU B 284 -10.72 -34.72 10.76
N GLN B 285 -10.75 -35.52 9.68
CA GLN B 285 -10.23 -35.08 8.37
C GLN B 285 -11.06 -33.95 7.77
N ILE B 286 -12.39 -34.03 7.88
CA ILE B 286 -13.25 -32.97 7.38
C ILE B 286 -12.96 -31.66 8.15
N SER B 287 -12.86 -31.73 9.50
CA SER B 287 -12.55 -30.53 10.31
C SER B 287 -11.21 -29.95 9.89
N PHE B 288 -10.20 -30.80 9.72
CA PHE B 288 -8.88 -30.35 9.30
C PHE B 288 -8.94 -29.63 7.96
N MET B 289 -9.61 -30.26 6.98
N MET B 289 -9.60 -30.24 6.98
CA MET B 289 -9.76 -29.74 5.62
CA MET B 289 -9.65 -29.66 5.64
C MET B 289 -10.53 -28.44 5.57
C MET B 289 -10.53 -28.42 5.55
N GLU B 290 -11.70 -28.42 6.19
CA GLU B 290 -12.57 -27.24 6.17
C GLU B 290 -12.03 -26.06 6.98
N HIS B 291 -11.51 -26.32 8.18
CA HIS B 291 -11.11 -25.22 9.07
C HIS B 291 -9.65 -24.83 9.06
N ILE B 292 -8.76 -25.71 8.56
CA ILE B 292 -7.34 -25.42 8.57
C ILE B 292 -6.74 -25.38 7.17
N ALA B 293 -6.86 -26.49 6.41
CA ALA B 293 -6.23 -26.57 5.08
C ALA B 293 -6.88 -25.66 4.02
N MET B 294 -8.21 -25.72 3.87
CA MET B 294 -8.89 -24.90 2.86
C MET B 294 -8.62 -23.40 3.03
N PRO B 295 -8.69 -22.80 4.25
CA PRO B 295 -8.41 -21.36 4.37
C PRO B 295 -6.99 -20.97 3.94
N ILE B 296 -6.00 -21.88 4.11
CA ILE B 296 -4.61 -21.63 3.67
C ILE B 296 -4.57 -21.57 2.14
N TYR B 297 -5.15 -22.57 1.47
CA TYR B 297 -5.12 -22.57 0.01
C TYR B 297 -6.01 -21.50 -0.60
N LYS B 298 -7.03 -21.05 0.16
CA LYS B 298 -7.88 -19.95 -0.30
C LYS B 298 -7.05 -18.65 -0.29
N LEU B 299 -6.26 -18.42 0.80
CA LEU B 299 -5.35 -17.26 0.88
C LEU B 299 -4.31 -17.32 -0.25
N LEU B 300 -3.80 -18.51 -0.55
CA LEU B 300 -2.83 -18.68 -1.63
C LEU B 300 -3.47 -18.29 -2.95
N GLN B 301 -4.72 -18.76 -3.20
CA GLN B 301 -5.48 -18.40 -4.42
C GLN B 301 -5.75 -16.89 -4.50
N ASP B 302 -6.09 -16.25 -3.35
CA ASP B 302 -6.33 -14.80 -3.25
C ASP B 302 -5.12 -14.00 -3.69
N LEU B 303 -3.91 -14.49 -3.33
CA LEU B 303 -2.63 -13.82 -3.63
C LEU B 303 -2.07 -14.19 -5.01
N PHE B 304 -2.32 -15.42 -5.45
CA PHE B 304 -1.80 -15.95 -6.72
C PHE B 304 -2.93 -16.63 -7.47
N PRO B 305 -3.55 -15.96 -8.47
CA PRO B 305 -4.67 -16.60 -9.19
C PRO B 305 -4.35 -17.98 -9.76
N LYS B 306 -3.07 -18.22 -10.16
CA LYS B 306 -2.61 -19.51 -10.68
C LYS B 306 -2.67 -20.63 -9.63
N ALA B 307 -2.88 -20.31 -8.34
CA ALA B 307 -3.01 -21.31 -7.28
C ALA B 307 -4.45 -21.81 -7.14
N ALA B 308 -5.41 -21.28 -7.94
CA ALA B 308 -6.80 -21.68 -7.86
C ALA B 308 -6.99 -23.21 -7.93
N GLU B 309 -6.26 -23.90 -8.83
CA GLU B 309 -6.38 -25.36 -8.97
C GLU B 309 -6.01 -26.12 -7.69
N LEU B 310 -5.13 -25.55 -6.84
CA LEU B 310 -4.72 -26.14 -5.56
C LEU B 310 -5.88 -26.12 -4.57
N TYR B 311 -6.51 -24.95 -4.40
CA TYR B 311 -7.66 -24.78 -3.54
C TYR B 311 -8.80 -25.70 -4.01
N GLU B 312 -9.03 -25.78 -5.34
CA GLU B 312 -10.09 -26.59 -5.97
C GLU B 312 -9.92 -28.08 -5.63
N ARG B 313 -8.65 -28.54 -5.65
CA ARG B 313 -8.33 -29.93 -5.32
C ARG B 313 -8.55 -30.21 -3.84
N VAL B 314 -8.10 -29.30 -2.95
CA VAL B 314 -8.32 -29.46 -1.49
C VAL B 314 -9.82 -29.52 -1.21
N ALA B 315 -10.62 -28.59 -1.79
CA ALA B 315 -12.08 -28.58 -1.64
C ALA B 315 -12.69 -29.88 -2.17
N SER B 316 -12.19 -30.39 -3.30
CA SER B 316 -12.66 -31.64 -3.94
C SER B 316 -12.39 -32.85 -3.03
N ASN B 317 -11.20 -32.86 -2.40
CA ASN B 317 -10.82 -33.92 -1.47
C ASN B 317 -11.66 -33.87 -0.20
N ARG B 318 -11.98 -32.65 0.29
CA ARG B 318 -12.85 -32.44 1.46
C ARG B 318 -14.26 -33.00 1.16
N GLU B 319 -14.78 -32.74 -0.05
CA GLU B 319 -16.09 -33.23 -0.48
C GLU B 319 -16.10 -34.76 -0.56
N HIS B 320 -14.99 -35.38 -0.99
CA HIS B 320 -14.85 -36.83 -1.05
C HIS B 320 -14.93 -37.48 0.32
N TRP B 321 -14.41 -36.82 1.38
CA TRP B 321 -14.54 -37.35 2.75
C TRP B 321 -16.01 -37.45 3.17
N THR B 322 -16.84 -36.44 2.79
CA THR B 322 -18.29 -36.45 3.09
C THR B 322 -18.94 -37.61 2.34
N LYS B 323 -18.51 -37.84 1.09
CA LYS B 323 -19.06 -38.89 0.22
C LYS B 323 -18.78 -40.32 0.74
N VAL B 324 -17.61 -40.56 1.34
CA VAL B 324 -17.21 -41.89 1.82
C VAL B 324 -17.37 -42.09 3.34
N SER B 325 -17.82 -41.04 4.07
CA SER B 325 -18.00 -41.07 5.53
C SER B 325 -18.82 -42.26 6.00
N HIS B 326 -19.88 -42.61 5.25
CA HIS B 326 -20.79 -43.73 5.51
C HIS B 326 -20.08 -45.11 5.54
N LYS B 327 -18.95 -45.26 4.82
CA LYS B 327 -18.19 -46.51 4.77
C LYS B 327 -17.54 -46.89 6.09
N PHE B 328 -17.44 -45.93 7.04
CA PHE B 328 -16.91 -46.19 8.39
C PHE B 328 -17.96 -46.90 9.26
N THR B 329 -19.15 -47.15 8.72
CA THR B 329 -20.17 -47.94 9.44
C THR B 329 -20.11 -49.36 8.85
N ILE B 330 -19.87 -50.35 9.73
CA ILE B 330 -19.72 -51.77 9.46
C ILE B 330 -20.97 -52.37 8.84
N ARG B 331 -20.85 -52.75 7.56
CA ARG B 331 -21.88 -53.49 6.85
C ARG B 331 -21.44 -54.96 6.85
N GLY B 332 -22.40 -55.87 7.04
CA GLY B 332 -22.12 -57.28 7.18
C GLY B 332 -21.44 -57.53 8.51
N LEU B 333 -20.54 -58.51 8.54
CA LEU B 333 -19.80 -58.85 9.75
C LEU B 333 -18.38 -58.28 9.67
N PRO B 334 -17.69 -58.06 10.82
CA PRO B 334 -16.27 -57.64 10.75
C PRO B 334 -15.44 -58.76 10.10
N SER B 335 -14.19 -58.46 9.66
CA SER B 335 -13.29 -59.42 9.01
C SER B 335 -13.15 -60.78 9.70
N ASN B 336 -13.06 -60.77 11.05
CA ASN B 336 -12.94 -62.00 11.85
C ASN B 336 -14.27 -62.78 12.06
N ASN B 337 -15.37 -62.34 11.40
CA ASN B 337 -16.73 -62.93 11.50
C ASN B 337 -17.26 -62.94 12.93
N SER B 338 -16.77 -62.03 13.76
CA SER B 338 -17.17 -62.02 15.16
C SER B 338 -17.91 -60.76 15.57
N LEU B 339 -18.91 -60.91 16.45
CA LEU B 339 -19.63 -59.78 17.03
C LEU B 339 -19.12 -59.54 18.47
N ASP B 340 -17.96 -60.14 18.83
CA ASP B 340 -17.30 -60.04 20.14
C ASP B 340 -17.10 -58.61 20.58
N PHE B 341 -16.75 -57.72 19.62
CA PHE B 341 -16.54 -56.29 19.83
C PHE B 341 -17.76 -55.57 20.45
N LEU B 342 -18.96 -56.18 20.38
CA LEU B 342 -20.19 -55.60 20.94
C LEU B 342 -20.23 -55.70 22.47
N ASP B 343 -19.59 -56.74 23.05
CA ASP B 343 -19.53 -56.98 24.50
C ASP B 343 -18.09 -57.05 24.98
N ASP C 5 17.25 1.93 16.31
CA ASP C 5 17.25 0.86 17.30
C ASP C 5 17.67 1.38 18.68
N ASP C 6 18.78 2.13 18.73
CA ASP C 6 19.38 2.68 19.95
C ASP C 6 18.51 3.73 20.64
N GLU C 7 17.94 4.70 19.85
CA GLU C 7 17.06 5.77 20.38
C GLU C 7 15.82 5.14 21.01
N TYR C 8 15.28 4.09 20.37
CA TYR C 8 14.10 3.38 20.84
C TYR C 8 14.36 2.69 22.18
N THR C 9 15.50 1.96 22.27
CA THR C 9 15.89 1.25 23.50
C THR C 9 16.02 2.26 24.64
N LYS C 10 16.69 3.41 24.40
CA LYS C 10 16.88 4.48 25.39
C LYS C 10 15.54 5.01 25.88
N LEU C 11 14.59 5.23 24.97
CA LEU C 11 13.28 5.72 25.33
C LEU C 11 12.49 4.68 26.15
N LEU C 12 12.49 3.40 25.69
CA LEU C 12 11.79 2.32 26.41
C LEU C 12 12.33 2.16 27.83
N HIS C 13 13.66 2.16 28.00
CA HIS C 13 14.31 2.03 29.31
C HIS C 13 14.06 3.25 30.21
N ASP C 14 13.79 4.42 29.61
CA ASP C 14 13.48 5.63 30.36
C ASP C 14 12.06 5.52 30.96
N GLY C 15 11.20 4.74 30.30
CA GLY C 15 9.82 4.52 30.71
C GLY C 15 9.03 5.80 30.62
N ILE C 16 8.07 5.98 31.55
CA ILE C 16 7.26 7.20 31.62
C ILE C 16 7.37 7.87 33.00
N GLN C 17 7.97 9.03 32.99
CA GLN C 17 8.23 9.78 34.20
C GLN C 17 7.05 10.70 34.55
N PRO C 18 6.74 10.89 35.84
CA PRO C 18 5.73 11.90 36.19
C PRO C 18 6.28 13.30 35.85
N VAL C 19 5.39 14.21 35.40
CA VAL C 19 5.72 15.57 34.95
C VAL C 19 6.51 16.39 36.02
N ALA C 20 6.19 16.21 37.32
CA ALA C 20 6.87 16.91 38.42
C ALA C 20 8.38 16.62 38.45
N ALA C 21 8.80 15.42 38.01
CA ALA C 21 10.21 15.03 37.98
C ALA C 21 10.98 15.63 36.79
N ILE C 22 10.28 16.26 35.82
CA ILE C 22 10.92 16.91 34.69
C ILE C 22 11.29 18.33 35.16
N ASP C 23 10.31 19.01 35.76
CA ASP C 23 10.43 20.37 36.28
C ASP C 23 9.20 20.62 37.14
N SER C 24 9.38 21.32 38.28
CA SER C 24 8.28 21.64 39.19
C SER C 24 7.29 22.65 38.58
N ASN C 25 7.76 23.44 37.57
CA ASN C 25 7.00 24.45 36.87
C ASN C 25 6.55 24.00 35.47
N PHE C 26 6.73 22.69 35.16
CA PHE C 26 6.40 22.10 33.85
C PHE C 26 4.96 22.39 33.36
N ALA C 27 3.99 22.51 34.29
CA ALA C 27 2.60 22.76 33.92
C ALA C 27 2.16 24.24 34.02
N SER C 28 3.12 25.17 34.13
CA SER C 28 2.85 26.60 34.24
C SER C 28 3.03 27.34 32.92
N PHE C 29 2.21 28.39 32.69
CA PHE C 29 2.34 29.24 31.50
C PHE C 29 3.70 29.98 31.47
N THR C 30 4.42 30.02 32.61
CA THR C 30 5.74 30.67 32.68
C THR C 30 6.86 29.74 32.19
N TYR C 31 6.59 28.41 32.13
CA TYR C 31 7.60 27.44 31.69
C TYR C 31 7.97 27.62 30.20
N THR C 32 9.25 27.51 29.91
CA THR C 32 9.75 27.62 28.54
C THR C 32 10.19 26.24 28.07
N PRO C 33 9.36 25.52 27.27
CA PRO C 33 9.73 24.16 26.87
C PRO C 33 11.01 24.05 26.08
N ARG C 34 11.44 25.14 25.40
CA ARG C 34 12.71 25.15 24.67
C ARG C 34 13.92 25.03 25.60
N SER C 35 13.72 25.21 26.93
CA SER C 35 14.77 25.03 27.95
C SER C 35 15.09 23.55 28.14
N LEU C 36 14.14 22.66 27.77
CA LEU C 36 14.35 21.23 27.94
C LEU C 36 15.35 20.69 26.90
N PRO C 37 16.41 19.94 27.32
CA PRO C 37 17.32 19.36 26.34
C PRO C 37 16.58 18.54 25.30
N GLU C 38 16.99 18.63 24.03
CA GLU C 38 16.32 17.92 22.93
C GLU C 38 16.25 16.41 23.16
N ASP C 39 17.29 15.83 23.82
CA ASP C 39 17.32 14.40 24.08
C ASP C 39 16.28 13.93 25.11
N ASP C 40 15.68 14.87 25.87
CA ASP C 40 14.65 14.58 26.87
C ASP C 40 13.21 14.85 26.35
N THR C 41 13.06 15.43 25.15
CA THR C 41 11.74 15.82 24.61
C THR C 41 10.81 14.64 24.31
N SER C 42 11.35 13.51 23.78
CA SER C 42 10.49 12.35 23.48
C SER C 42 9.89 11.78 24.76
N MET C 43 10.69 11.70 25.83
CA MET C 43 10.19 11.20 27.11
C MET C 43 9.16 12.21 27.65
N ALA C 44 9.41 13.53 27.48
CA ALA C 44 8.48 14.57 27.93
C ALA C 44 7.10 14.47 27.22
N ILE C 45 7.08 14.10 25.93
CA ILE C 45 5.82 13.90 25.18
C ILE C 45 5.05 12.77 25.85
N LEU C 46 5.73 11.65 26.13
CA LEU C 46 5.07 10.51 26.81
C LEU C 46 4.51 10.91 28.13
N SER C 47 5.29 11.68 28.90
CA SER C 47 4.93 12.16 30.23
C SER C 47 3.68 13.03 30.19
N MET C 48 3.61 13.95 29.20
CA MET C 48 2.43 14.82 29.07
C MET C 48 1.20 13.99 28.72
N LEU C 49 1.36 13.00 27.84
CA LEU C 49 0.24 12.13 27.47
C LEU C 49 -0.24 11.33 28.68
N GLN C 50 0.68 10.86 29.51
CA GLN C 50 0.32 10.15 30.74
C GLN C 50 -0.35 11.10 31.74
N ASP C 51 0.19 12.32 31.88
CA ASP C 51 -0.38 13.28 32.83
C ASP C 51 -1.81 13.72 32.45
N MET C 52 -2.13 13.75 31.14
CA MET C 52 -3.47 14.06 30.61
C MET C 52 -4.36 12.81 30.64
N ASN C 53 -3.75 11.68 31.03
CA ASN C 53 -4.36 10.35 31.17
C ASN C 53 -4.84 9.75 29.83
N PHE C 54 -4.28 10.22 28.70
CA PHE C 54 -4.71 9.68 27.41
C PHE C 54 -4.20 8.26 27.17
N ILE C 55 -3.07 7.89 27.76
CA ILE C 55 -2.53 6.54 27.56
C ILE C 55 -3.52 5.54 28.16
N ASN C 56 -3.97 5.79 29.40
CA ASN C 56 -4.92 4.88 30.05
C ASN C 56 -6.34 5.02 29.49
N ASN C 57 -6.76 6.25 29.19
CA ASN C 57 -8.08 6.53 28.63
C ASN C 57 -8.28 5.75 27.32
N TYR C 58 -7.31 5.86 26.42
CA TYR C 58 -7.41 5.24 25.11
C TYR C 58 -6.70 3.92 24.99
N LYS C 59 -6.14 3.36 26.10
CA LYS C 59 -5.45 2.06 26.11
C LYS C 59 -4.36 2.03 25.04
N ILE C 60 -3.56 3.11 25.00
CA ILE C 60 -2.48 3.24 24.03
C ILE C 60 -1.36 2.27 24.41
N ASP C 61 -0.81 1.56 23.42
CA ASP C 61 0.31 0.64 23.61
C ASP C 61 1.58 1.49 23.76
N CYS C 62 2.27 1.39 24.91
CA CYS C 62 3.43 2.26 25.15
C CYS C 62 4.60 1.99 24.17
N PRO C 63 4.95 0.74 23.78
CA PRO C 63 6.00 0.54 22.75
C PRO C 63 5.60 1.20 21.42
N THR C 64 4.32 1.06 20.99
CA THR C 64 3.84 1.73 19.74
C THR C 64 3.96 3.25 19.88
N LEU C 65 3.54 3.80 21.04
CA LEU C 65 3.62 5.25 21.27
C LEU C 65 5.08 5.74 21.23
N ALA C 66 6.01 5.00 21.87
CA ALA C 66 7.41 5.38 21.83
C ALA C 66 7.92 5.39 20.37
N ARG C 67 7.58 4.36 19.56
CA ARG C 67 8.03 4.31 18.16
C ARG C 67 7.42 5.44 17.34
N PHE C 68 6.12 5.72 17.58
CA PHE C 68 5.40 6.82 16.93
C PHE C 68 6.09 8.16 17.21
N CYS C 69 6.33 8.48 18.52
N CYS C 69 6.31 8.46 18.49
CA CYS C 69 6.99 9.71 18.94
CA CYS C 69 6.95 9.68 18.91
C CYS C 69 8.37 9.86 18.29
C CYS C 69 8.34 9.84 18.25
N LEU C 70 9.18 8.77 18.25
CA LEU C 70 10.51 8.82 17.62
C LEU C 70 10.42 9.05 16.13
N MET C 71 9.40 8.47 15.50
CA MET C 71 9.20 8.66 14.05
C MET C 71 8.78 10.10 13.73
N VAL C 72 7.92 10.69 14.57
CA VAL C 72 7.47 12.07 14.39
C VAL C 72 8.66 13.00 14.56
N LYS C 73 9.45 12.79 15.62
CA LYS C 73 10.66 13.59 15.87
C LYS C 73 11.62 13.53 14.68
N LYS C 74 11.86 12.32 14.12
CA LYS C 74 12.77 12.09 12.98
C LYS C 74 12.21 12.72 11.69
N GLY C 75 10.89 12.90 11.65
CA GLY C 75 10.16 13.45 10.51
C GLY C 75 10.33 14.95 10.31
N TYR C 76 11.02 15.62 11.27
CA TYR C 76 11.29 17.06 11.16
C TYR C 76 12.70 17.24 10.65
N ARG C 77 12.87 18.21 9.73
CA ARG C 77 14.15 18.61 9.19
C ARG C 77 14.79 19.61 10.15
N ASP C 78 15.88 20.26 9.73
CA ASP C 78 16.52 21.19 10.64
C ASP C 78 16.65 22.62 10.06
N PRO C 79 15.53 23.25 9.55
CA PRO C 79 15.63 24.68 9.21
C PRO C 79 15.70 25.45 10.55
N PRO C 80 16.04 26.76 10.54
CA PRO C 80 16.21 27.47 11.82
C PRO C 80 15.01 27.42 12.77
N TYR C 81 13.79 27.57 12.24
CA TYR C 81 12.62 27.61 13.11
C TYR C 81 11.74 26.37 13.04
N HIS C 82 11.37 25.93 11.83
CA HIS C 82 10.42 24.83 11.67
C HIS C 82 11.05 23.45 11.84
N ASN C 83 11.53 23.17 13.06
CA ASN C 83 12.20 21.91 13.37
C ASN C 83 11.45 21.22 14.51
N TRP C 84 11.97 20.09 15.01
CA TRP C 84 11.29 19.35 16.08
C TRP C 84 11.09 20.17 17.34
N MET C 85 12.06 21.02 17.73
CA MET C 85 11.89 21.83 18.95
C MET C 85 10.69 22.76 18.84
N HIS C 86 10.34 23.22 17.61
CA HIS C 86 9.12 24.00 17.41
C HIS C 86 7.90 23.07 17.68
N ALA C 87 7.86 21.90 17.04
CA ALA C 87 6.73 20.97 17.25
C ALA C 87 6.58 20.57 18.72
N PHE C 88 7.71 20.34 19.40
CA PHE C 88 7.71 20.01 20.82
C PHE C 88 7.11 21.17 21.66
N SER C 89 7.57 22.41 21.43
CA SER C 89 7.10 23.56 22.21
C SER C 89 5.63 23.85 21.94
N VAL C 90 5.16 23.58 20.71
CA VAL C 90 3.72 23.73 20.34
C VAL C 90 2.87 22.69 21.08
N SER C 91 3.35 21.43 21.11
CA SER C 91 2.69 20.33 21.84
C SER C 91 2.66 20.63 23.32
N HIS C 92 3.78 21.20 23.86
CA HIS C 92 3.82 21.55 25.27
C HIS C 92 2.74 22.60 25.60
N PHE C 93 2.55 23.58 24.72
CA PHE C 93 1.50 24.59 24.97
C PHE C 93 0.11 23.98 24.98
N CYS C 94 -0.13 22.98 24.12
CA CYS C 94 -1.42 22.27 24.11
C CYS C 94 -1.67 21.66 25.47
N TYR C 95 -0.65 21.02 26.02
CA TYR C 95 -0.67 20.44 27.35
C TYR C 95 -0.96 21.54 28.40
N LEU C 96 -0.32 22.71 28.29
CA LEU C 96 -0.59 23.81 29.23
C LEU C 96 -2.04 24.26 29.18
N LEU C 97 -2.62 24.32 27.98
CA LEU C 97 -4.04 24.69 27.83
C LEU C 97 -4.94 23.68 28.53
N TYR C 98 -4.64 22.39 28.37
CA TYR C 98 -5.36 21.31 29.06
C TYR C 98 -5.27 21.48 30.58
N LYS C 99 -4.05 21.75 31.09
CA LYS C 99 -3.85 21.85 32.55
C LYS C 99 -4.41 23.11 33.19
N ASN C 100 -4.38 24.24 32.46
CA ASN C 100 -4.76 25.54 33.00
C ASN C 100 -6.16 26.02 32.63
N LEU C 101 -6.72 25.57 31.49
CA LEU C 101 -8.03 26.06 31.04
C LEU C 101 -9.21 25.11 31.22
N GLU C 102 -8.99 23.85 31.66
CA GLU C 102 -10.13 22.92 31.86
C GLU C 102 -10.97 22.79 30.55
N LEU C 103 -10.26 22.44 29.46
CA LEU C 103 -10.78 22.23 28.11
C LEU C 103 -11.86 21.17 28.05
N THR C 104 -11.84 20.24 29.01
CA THR C 104 -12.80 19.15 29.14
C THR C 104 -14.26 19.65 29.32
N ASN C 105 -14.44 20.93 29.70
CA ASN C 105 -15.76 21.55 29.82
C ASN C 105 -16.26 22.07 28.46
N TYR C 106 -15.39 22.05 27.42
CA TYR C 106 -15.69 22.63 26.12
C TYR C 106 -15.59 21.61 25.00
N LEU C 107 -14.64 20.69 25.10
CA LEU C 107 -14.34 19.72 24.05
C LEU C 107 -14.40 18.29 24.54
N GLU C 108 -14.60 17.36 23.60
CA GLU C 108 -14.60 15.93 23.91
C GLU C 108 -13.15 15.49 24.16
N ASP C 109 -12.94 14.44 24.98
CA ASP C 109 -11.59 13.90 25.23
C ASP C 109 -10.87 13.56 23.92
N ILE C 110 -11.60 12.96 22.96
CA ILE C 110 -10.97 12.58 21.69
C ILE C 110 -10.47 13.81 20.90
N GLU C 111 -11.17 14.95 21.02
CA GLU C 111 -10.79 16.18 20.33
C GLU C 111 -9.53 16.77 20.94
N ILE C 112 -9.41 16.71 22.26
CA ILE C 112 -8.22 17.24 22.97
C ILE C 112 -7.00 16.35 22.64
N PHE C 113 -7.23 15.03 22.63
CA PHE C 113 -6.17 14.07 22.27
C PHE C 113 -5.72 14.35 20.82
N ALA C 114 -6.68 14.52 19.88
CA ALA C 114 -6.37 14.84 18.48
C ALA C 114 -5.59 16.13 18.37
N LEU C 115 -5.96 17.13 19.16
CA LEU C 115 -5.26 18.42 19.12
C LEU C 115 -3.79 18.23 19.52
N PHE C 116 -3.53 17.46 20.58
CA PHE C 116 -2.16 17.22 21.04
C PHE C 116 -1.34 16.46 19.96
N ILE C 117 -1.88 15.39 19.39
CA ILE C 117 -1.18 14.62 18.34
C ILE C 117 -0.96 15.51 17.11
N SER C 118 -1.96 16.34 16.76
CA SER C 118 -1.85 17.28 15.64
C SER C 118 -0.73 18.27 15.91
N CYS C 119 -0.61 18.79 17.14
CA CYS C 119 0.49 19.70 17.50
C CYS C 119 1.85 19.03 17.21
N MET C 120 2.02 17.76 17.59
CA MET C 120 3.29 17.03 17.35
C MET C 120 3.64 16.96 15.86
N CYS C 121 2.59 16.73 15.01
CA CYS C 121 2.71 16.46 13.57
C CYS C 121 2.57 17.66 12.68
N HIS C 122 2.16 18.82 13.23
CA HIS C 122 1.59 19.88 12.39
C HIS C 122 2.55 20.51 11.37
N ASP C 123 3.88 20.41 11.55
CA ASP C 123 4.86 20.95 10.58
C ASP C 123 5.80 19.87 10.04
N LEU C 124 5.37 18.57 10.05
CA LEU C 124 6.22 17.47 9.60
C LEU C 124 6.88 17.72 8.25
N ASP C 125 8.19 17.52 8.16
CA ASP C 125 8.94 17.63 6.91
C ASP C 125 8.93 19.05 6.33
N HIS C 126 8.79 20.06 7.22
CA HIS C 126 8.88 21.46 6.76
C HIS C 126 10.30 21.71 6.23
N ARG C 127 10.39 22.46 5.11
CA ARG C 127 11.63 22.76 4.38
C ARG C 127 12.17 24.16 4.68
N GLY C 128 11.49 24.87 5.57
CA GLY C 128 11.88 26.25 5.89
C GLY C 128 11.40 27.24 4.84
N THR C 129 10.40 26.85 4.04
CA THR C 129 9.83 27.71 3.00
C THR C 129 8.30 27.65 3.10
N ASN C 130 7.61 28.72 2.70
CA ASN C 130 6.16 28.82 2.81
C ASN C 130 5.42 28.23 1.61
N ASN C 131 4.07 28.36 1.59
CA ASN C 131 3.22 27.81 0.54
C ASN C 131 3.48 28.45 -0.80
N SER C 132 3.49 29.79 -0.87
CA SER C 132 3.75 30.43 -2.16
C SER C 132 5.13 30.06 -2.72
N PHE C 133 6.13 29.79 -1.85
CA PHE C 133 7.46 29.38 -2.37
C PHE C 133 7.36 28.02 -3.09
N GLN C 134 6.53 27.08 -2.57
CA GLN C 134 6.37 25.77 -3.23
C GLN C 134 5.88 25.94 -4.65
N VAL C 135 4.91 26.83 -4.83
CA VAL C 135 4.37 27.15 -6.16
C VAL C 135 5.44 27.83 -7.04
N ALA C 136 6.11 28.89 -6.53
CA ALA C 136 7.16 29.60 -7.33
C ALA C 136 8.30 28.70 -7.76
N SER C 137 8.77 27.82 -6.86
CA SER C 137 9.89 26.90 -7.12
C SER C 137 9.47 25.66 -7.86
N LYS C 138 8.14 25.52 -8.09
CA LYS C 138 7.54 24.38 -8.81
C LYS C 138 7.96 23.06 -8.13
N SER C 139 7.85 23.00 -6.80
CA SER C 139 8.24 21.82 -6.05
C SER C 139 7.23 20.69 -6.29
N VAL C 140 7.61 19.47 -5.93
CA VAL C 140 6.73 18.29 -6.04
C VAL C 140 5.47 18.52 -5.17
N LEU C 141 5.66 19.20 -4.02
CA LEU C 141 4.54 19.48 -3.11
C LEU C 141 3.52 20.37 -3.80
N ALA C 142 3.98 21.38 -4.53
CA ALA C 142 3.06 22.24 -5.28
C ALA C 142 2.35 21.42 -6.35
N ALA C 143 3.07 20.50 -7.05
CA ALA C 143 2.44 19.69 -8.11
C ALA C 143 1.31 18.86 -7.52
N LEU C 144 1.53 18.30 -6.32
CA LEU C 144 0.54 17.46 -5.67
C LEU C 144 -0.61 18.25 -5.06
N TYR C 145 -0.33 19.45 -4.51
CA TYR C 145 -1.32 20.16 -3.67
C TYR C 145 -1.70 21.59 -4.04
N SER C 146 -0.96 22.30 -4.91
CA SER C 146 -1.24 23.71 -5.19
C SER C 146 -2.67 24.01 -5.62
N SER C 147 -3.29 23.11 -6.40
CA SER C 147 -4.67 23.31 -6.87
C SER C 147 -5.71 23.25 -5.73
N GLU C 148 -5.34 22.68 -4.58
CA GLU C 148 -6.25 22.58 -3.44
C GLU C 148 -5.95 23.58 -2.32
N GLY C 149 -4.81 24.24 -2.40
CA GLY C 149 -4.43 25.25 -1.42
C GLY C 149 -3.79 24.63 -0.18
N SER C 150 -3.23 25.45 0.72
CA SER C 150 -2.51 25.01 1.94
C SER C 150 -1.49 23.91 1.60
N VAL C 151 -0.59 24.17 0.65
CA VAL C 151 0.40 23.16 0.17
C VAL C 151 1.13 22.45 1.32
N MET C 152 1.83 23.21 2.16
CA MET C 152 2.64 22.58 3.20
C MET C 152 1.75 21.84 4.21
N GLU C 153 0.58 22.42 4.57
CA GLU C 153 -0.30 21.81 5.59
C GLU C 153 -0.87 20.47 5.11
N ARG C 154 -1.18 20.37 3.81
CA ARG C 154 -1.66 19.10 3.24
C ARG C 154 -0.52 18.06 3.29
N HIS C 155 0.72 18.52 3.06
CA HIS C 155 1.90 17.66 3.13
C HIS C 155 2.13 17.21 4.58
N HIS C 156 2.02 18.12 5.58
CA HIS C 156 2.23 17.77 7.00
C HIS C 156 1.24 16.66 7.37
N PHE C 157 -0.04 16.80 6.97
CA PHE C 157 -1.06 15.78 7.28
C PHE C 157 -0.72 14.47 6.58
N ALA C 158 -0.34 14.51 5.29
CA ALA C 158 0.04 13.30 4.52
C ALA C 158 1.21 12.57 5.21
N GLN C 159 2.19 13.34 5.73
CA GLN C 159 3.34 12.74 6.43
C GLN C 159 2.88 12.07 7.71
N ALA C 160 1.93 12.70 8.43
CA ALA C 160 1.41 12.13 9.70
C ALA C 160 0.74 10.79 9.40
N ILE C 161 -0.06 10.73 8.34
CA ILE C 161 -0.73 9.49 7.90
C ILE C 161 0.31 8.40 7.56
N ALA C 162 1.38 8.78 6.85
CA ALA C 162 2.44 7.84 6.44
C ALA C 162 3.16 7.27 7.68
N ILE C 163 3.31 8.07 8.74
CA ILE C 163 3.91 7.61 10.00
C ILE C 163 2.95 6.62 10.67
N LEU C 164 1.65 6.97 10.76
CA LEU C 164 0.67 6.05 11.38
C LEU C 164 0.65 4.72 10.66
N ASN C 165 0.80 4.76 9.34
CA ASN C 165 0.78 3.57 8.51
C ASN C 165 2.14 2.87 8.40
N THR C 166 3.13 3.31 9.21
CA THR C 166 4.44 2.65 9.25
C THR C 166 4.30 1.51 10.26
N HIS C 167 4.86 0.34 9.93
CA HIS C 167 4.79 -0.83 10.80
C HIS C 167 5.27 -0.50 12.22
N GLY C 168 4.42 -0.85 13.18
CA GLY C 168 4.65 -0.66 14.61
C GLY C 168 4.40 0.73 15.16
N CYS C 169 3.86 1.66 14.32
CA CYS C 169 3.67 3.06 14.73
C CYS C 169 2.22 3.50 14.83
N ASN C 170 1.26 2.61 14.55
CA ASN C 170 -0.14 3.04 14.55
C ASN C 170 -0.72 3.02 15.95
N ILE C 171 -0.58 4.14 16.66
CA ILE C 171 -1.08 4.31 18.03
C ILE C 171 -2.60 4.19 18.15
N PHE C 172 -3.35 4.30 17.03
CA PHE C 172 -4.81 4.21 17.02
C PHE C 172 -5.34 2.92 16.39
N ASP C 173 -4.49 1.92 16.11
CA ASP C 173 -4.98 0.74 15.36
C ASP C 173 -5.94 -0.18 16.14
N HIS C 174 -6.14 0.06 17.45
CA HIS C 174 -7.10 -0.71 18.26
C HIS C 174 -8.41 0.10 18.44
N PHE C 175 -8.47 1.33 17.86
CA PHE C 175 -9.67 2.19 17.94
C PHE C 175 -10.81 1.57 17.13
N SER C 176 -12.06 1.85 17.52
CA SER C 176 -13.21 1.40 16.73
C SER C 176 -13.11 2.09 15.36
N ARG C 177 -13.85 1.55 14.36
CA ARG C 177 -13.91 2.11 13.00
C ARG C 177 -14.29 3.59 13.06
N LYS C 178 -15.32 3.91 13.88
CA LYS C 178 -15.84 5.28 14.06
C LYS C 178 -14.78 6.20 14.68
N ASP C 179 -14.14 5.77 15.77
CA ASP C 179 -13.12 6.59 16.44
C ASP C 179 -11.85 6.75 15.62
N TYR C 180 -11.45 5.72 14.87
CA TYR C 180 -10.27 5.83 14.02
C TYR C 180 -10.48 6.93 12.94
N GLN C 181 -11.65 6.89 12.27
CA GLN C 181 -11.98 7.87 11.23
C GLN C 181 -12.11 9.26 11.86
N ARG C 182 -12.74 9.36 13.05
CA ARG C 182 -12.87 10.65 13.75
C ARG C 182 -11.47 11.25 14.01
N MET C 183 -10.52 10.44 14.51
N MET C 183 -10.49 10.42 14.48
CA MET C 183 -9.16 10.88 14.82
CA MET C 183 -9.12 10.87 14.75
C MET C 183 -8.45 11.43 13.56
C MET C 183 -8.48 11.47 13.53
N LEU C 184 -8.56 10.73 12.43
CA LEU C 184 -7.92 11.17 11.19
C LEU C 184 -8.57 12.43 10.61
N ASP C 185 -9.91 12.57 10.73
CA ASP C 185 -10.63 13.77 10.27
C ASP C 185 -10.25 14.99 11.13
N LEU C 186 -10.13 14.77 12.44
CA LEU C 186 -9.72 15.82 13.40
C LEU C 186 -8.32 16.26 13.11
N MET C 187 -7.38 15.30 12.92
CA MET C 187 -5.99 15.66 12.63
C MET C 187 -5.91 16.47 11.33
N ARG C 188 -6.65 16.06 10.31
CA ARG C 188 -6.66 16.80 9.03
C ARG C 188 -7.15 18.24 9.22
N ASP C 189 -8.33 18.40 9.84
CA ASP C 189 -8.92 19.73 10.08
C ASP C 189 -8.03 20.64 10.91
N ILE C 190 -7.44 20.06 11.97
CA ILE C 190 -6.57 20.81 12.88
C ILE C 190 -5.28 21.25 12.19
N ILE C 191 -4.64 20.31 11.46
CA ILE C 191 -3.40 20.66 10.76
C ILE C 191 -3.69 21.71 9.65
N LEU C 192 -4.79 21.56 8.93
CA LEU C 192 -5.12 22.57 7.89
C LEU C 192 -5.39 23.96 8.48
N ALA C 193 -5.82 24.00 9.76
CA ALA C 193 -6.09 25.28 10.43
C ALA C 193 -4.80 26.07 10.71
N THR C 194 -3.61 25.44 10.55
CA THR C 194 -2.34 26.14 10.81
C THR C 194 -1.91 27.01 9.65
N ASP C 195 -2.68 27.00 8.54
CA ASP C 195 -2.32 27.87 7.41
C ASP C 195 -2.89 29.24 7.76
N LEU C 196 -2.05 30.29 7.77
CA LEU C 196 -2.51 31.64 8.04
C LEU C 196 -3.70 31.99 7.13
N ALA C 197 -3.69 31.53 5.85
CA ALA C 197 -4.80 31.85 4.91
C ALA C 197 -6.13 31.31 5.44
N HIS C 198 -6.11 30.11 6.10
CA HIS C 198 -7.30 29.48 6.70
C HIS C 198 -7.75 30.32 7.87
N HIS C 199 -6.83 30.68 8.80
CA HIS C 199 -7.17 31.51 9.98
C HIS C 199 -7.81 32.83 9.56
N LEU C 200 -7.24 33.50 8.54
CA LEU C 200 -7.79 34.77 8.07
C LEU C 200 -9.20 34.62 7.49
N ARG C 201 -9.48 33.51 6.79
CA ARG C 201 -10.80 33.24 6.22
C ARG C 201 -11.85 32.98 7.28
N ILE C 202 -11.48 32.28 8.39
CA ILE C 202 -12.42 31.90 9.45
C ILE C 202 -12.51 32.90 10.59
N PHE C 203 -11.67 33.94 10.59
CA PHE C 203 -11.61 34.91 11.66
C PHE C 203 -12.99 35.49 12.04
N LYS C 204 -13.79 35.92 11.04
CA LYS C 204 -15.15 36.42 11.25
C LYS C 204 -16.06 35.37 11.90
N ASP C 205 -15.90 34.07 11.55
CA ASP C 205 -16.67 32.98 12.18
C ASP C 205 -16.25 32.79 13.62
N LEU C 206 -14.93 32.96 13.91
CA LEU C 206 -14.41 32.90 15.29
C LEU C 206 -15.04 34.03 16.08
N GLN C 207 -15.07 35.25 15.50
CA GLN C 207 -15.69 36.42 16.15
C GLN C 207 -17.17 36.19 16.42
N LYS C 208 -17.93 35.62 15.45
CA LYS C 208 -19.37 35.40 15.60
C LYS C 208 -19.60 34.39 16.72
N MET C 209 -18.72 33.36 16.80
CA MET C 209 -18.80 32.34 17.86
C MET C 209 -18.64 33.04 19.20
N ALA C 210 -17.63 33.94 19.29
CA ALA C 210 -17.43 34.79 20.48
C ALA C 210 -18.71 35.60 20.80
N GLU C 211 -19.34 36.20 19.77
CA GLU C 211 -20.57 36.99 19.95
C GLU C 211 -21.71 36.14 20.53
N VAL C 212 -22.15 35.12 19.78
CA VAL C 212 -23.27 34.26 20.16
C VAL C 212 -23.00 33.55 21.49
N GLY C 213 -21.71 33.24 21.75
CA GLY C 213 -21.26 32.52 22.94
C GLY C 213 -21.01 31.06 22.63
N TYR C 214 -19.96 30.47 23.23
CA TYR C 214 -19.61 29.07 22.95
C TYR C 214 -20.71 28.10 23.33
N ASP C 215 -21.11 27.24 22.39
CA ASP C 215 -22.15 26.25 22.65
C ASP C 215 -21.59 24.87 22.49
N ARG C 216 -21.37 24.18 23.63
CA ARG C 216 -20.86 22.80 23.72
C ARG C 216 -21.68 21.79 22.86
N ASN C 217 -22.97 22.10 22.56
CA ASN C 217 -23.79 21.21 21.74
C ASN C 217 -23.73 21.57 20.25
N ASN C 218 -22.98 22.63 19.88
CA ASN C 218 -22.82 23.05 18.49
C ASN C 218 -21.53 22.44 17.93
N LYS C 219 -21.66 21.49 16.98
CA LYS C 219 -20.51 20.83 16.34
C LYS C 219 -19.59 21.83 15.60
N GLN C 220 -20.18 22.88 14.99
CA GLN C 220 -19.37 23.91 14.32
C GLN C 220 -18.53 24.70 15.35
N HIS C 221 -19.08 24.92 16.57
CA HIS C 221 -18.30 25.62 17.60
C HIS C 221 -17.10 24.78 18.03
N HIS C 222 -17.26 23.45 18.19
CA HIS C 222 -16.12 22.56 18.55
C HIS C 222 -15.03 22.69 17.49
N ARG C 223 -15.43 22.69 16.20
CA ARG C 223 -14.49 22.81 15.07
C ARG C 223 -13.74 24.12 15.11
N LEU C 224 -14.47 25.25 15.25
CA LEU C 224 -13.89 26.59 15.32
C LEU C 224 -12.94 26.71 16.51
N LEU C 225 -13.35 26.20 17.67
CA LEU C 225 -12.49 26.26 18.87
C LEU C 225 -11.18 25.49 18.68
N LEU C 226 -11.25 24.30 18.05
CA LEU C 226 -10.03 23.53 17.80
C LEU C 226 -9.08 24.32 16.91
N CYS C 227 -9.63 25.05 15.91
CA CYS C 227 -8.79 25.90 15.03
C CYS C 227 -8.12 26.98 15.85
N LEU C 228 -8.89 27.65 16.70
CA LEU C 228 -8.35 28.73 17.53
C LEU C 228 -7.28 28.22 18.47
N LEU C 229 -7.53 27.08 19.14
CA LEU C 229 -6.55 26.50 20.06
C LEU C 229 -5.27 26.10 19.33
N MET C 230 -5.41 25.49 18.16
CA MET C 230 -4.24 25.09 17.37
C MET C 230 -3.38 26.33 17.04
N THR C 231 -4.01 27.40 16.54
CA THR C 231 -3.23 28.60 16.21
C THR C 231 -2.60 29.22 17.49
N SER C 232 -3.29 29.15 18.65
N SER C 232 -3.28 29.19 18.65
CA SER C 232 -2.76 29.66 19.92
CA SER C 232 -2.68 29.73 19.88
C SER C 232 -1.52 28.86 20.34
C SER C 232 -1.45 28.87 20.28
N CYS C 233 -1.48 27.55 19.98
CA CYS C 233 -0.33 26.67 20.26
C CYS C 233 0.84 27.03 19.33
N ASP C 234 0.52 27.18 18.04
CA ASP C 234 1.52 27.47 17.00
C ASP C 234 2.27 28.79 17.25
N LEU C 235 1.58 29.78 17.83
CA LEU C 235 2.19 31.11 18.11
C LEU C 235 2.65 31.29 19.54
N SER C 236 2.58 30.21 20.35
CA SER C 236 2.82 30.25 21.80
C SER C 236 4.22 30.75 22.22
N ASP C 237 5.24 30.77 21.32
CA ASP C 237 6.52 31.37 21.77
C ASP C 237 6.33 32.82 22.19
N GLN C 238 5.32 33.50 21.61
CA GLN C 238 5.04 34.90 21.90
C GLN C 238 4.39 35.15 23.27
N THR C 239 3.96 34.09 23.95
CA THR C 239 3.35 34.18 25.28
C THR C 239 4.43 33.98 26.36
N LYS C 240 5.72 33.78 25.97
CA LYS C 240 6.81 33.60 26.93
C LYS C 240 7.50 34.91 27.23
N GLY C 241 8.59 34.86 27.99
CA GLY C 241 9.38 36.03 28.33
C GLY C 241 10.07 36.62 27.10
N TRP C 242 10.50 37.86 27.22
CA TRP C 242 11.17 38.55 26.13
C TRP C 242 12.32 37.76 25.44
N LYS C 243 13.22 37.14 26.23
CA LYS C 243 14.37 36.37 25.74
C LYS C 243 13.93 35.31 24.74
N THR C 244 12.85 34.57 25.06
CA THR C 244 12.33 33.53 24.17
C THR C 244 11.89 34.17 22.84
N THR C 245 11.11 35.25 22.90
CA THR C 245 10.58 35.89 21.70
C THR C 245 11.68 36.51 20.84
N ARG C 246 12.76 37.00 21.47
CA ARG C 246 13.91 37.58 20.78
C ARG C 246 14.64 36.48 20.01
N LYS C 247 14.93 35.35 20.69
CA LYS C 247 15.59 34.22 20.07
C LYS C 247 14.74 33.61 18.92
N ILE C 248 13.43 33.48 19.12
CA ILE C 248 12.57 32.91 18.09
C ILE C 248 12.45 33.85 16.90
N ALA C 249 12.51 35.18 17.15
CA ALA C 249 12.52 36.15 16.05
C ALA C 249 13.79 35.96 15.20
N GLU C 250 14.96 35.69 15.83
CA GLU C 250 16.22 35.40 15.12
C GLU C 250 16.05 34.19 14.20
N LEU C 251 15.45 33.13 14.72
CA LEU C 251 15.26 31.89 13.96
C LEU C 251 14.30 32.08 12.79
N ILE C 252 13.14 32.73 13.04
CA ILE C 252 12.14 32.98 11.98
C ILE C 252 12.71 33.79 10.85
N TYR C 253 13.39 34.90 11.19
CA TYR C 253 13.94 35.77 10.14
C TYR C 253 15.10 35.12 9.39
N LYS C 254 15.91 34.31 10.07
CA LYS C 254 16.98 33.58 9.36
C LYS C 254 16.33 32.66 8.30
N GLU C 255 15.28 31.94 8.71
CA GLU C 255 14.57 31.05 7.82
C GLU C 255 13.90 31.86 6.66
N PHE C 256 13.19 32.95 6.97
CA PHE C 256 12.54 33.82 5.97
C PHE C 256 13.52 34.41 4.97
N PHE C 257 14.66 34.96 5.47
CA PHE C 257 15.63 35.56 4.57
C PHE C 257 16.26 34.54 3.66
N SER C 258 16.45 33.27 4.13
CA SER C 258 16.99 32.20 3.29
C SER C 258 16.04 31.97 2.10
N GLN C 259 14.70 31.98 2.38
CA GLN C 259 13.70 31.85 1.32
C GLN C 259 13.76 33.01 0.29
N GLY C 260 13.76 34.26 0.77
CA GLY C 260 13.89 35.46 -0.06
C GLY C 260 15.11 35.42 -0.96
N ASP C 261 16.26 34.92 -0.44
CA ASP C 261 17.50 34.76 -1.22
C ASP C 261 17.28 33.77 -2.40
N LEU C 262 16.54 32.68 -2.14
CA LEU C 262 16.22 31.66 -3.16
C LEU C 262 15.28 32.22 -4.19
N GLU C 263 14.33 33.08 -3.77
CA GLU C 263 13.39 33.75 -4.69
C GLU C 263 14.12 34.68 -5.62
N LYS C 264 15.08 35.48 -5.08
CA LYS C 264 15.92 36.38 -5.89
C LYS C 264 16.74 35.60 -6.91
N ALA C 265 17.31 34.44 -6.51
CA ALA C 265 18.07 33.59 -7.43
C ALA C 265 17.18 33.07 -8.58
N MET C 266 15.83 32.89 -8.36
CA MET C 266 14.96 32.46 -9.46
C MET C 266 14.32 33.67 -10.22
N GLY C 267 14.76 34.88 -9.91
CA GLY C 267 14.29 36.10 -10.56
C GLY C 267 12.95 36.63 -10.08
N ASN C 268 12.50 36.16 -8.89
CA ASN C 268 11.24 36.58 -8.30
C ASN C 268 11.42 37.66 -7.25
N ARG C 269 10.34 38.43 -7.01
CA ARG C 269 10.32 39.50 -6.02
C ARG C 269 9.83 38.88 -4.70
N PRO C 270 10.71 38.69 -3.70
CA PRO C 270 10.23 38.14 -2.42
C PRO C 270 9.37 39.15 -1.70
N MET C 271 8.45 38.68 -0.81
CA MET C 271 7.70 39.63 0.00
C MET C 271 8.71 40.40 0.86
N GLU C 272 8.37 41.61 1.28
CA GLU C 272 9.26 42.48 2.06
C GLU C 272 9.83 41.76 3.28
N MET C 273 8.98 41.02 3.99
CA MET C 273 9.39 40.30 5.22
C MET C 273 10.39 39.18 4.96
N MET C 274 10.56 38.77 3.71
CA MET C 274 11.53 37.74 3.39
C MET C 274 12.77 38.28 2.68
N ASP C 275 12.80 39.58 2.51
CA ASP C 275 13.90 40.26 1.82
C ASP C 275 14.82 40.90 2.87
N ARG C 276 16.02 40.30 3.07
CA ARG C 276 16.97 40.81 4.07
C ARG C 276 17.44 42.25 3.80
N GLU C 277 17.24 42.76 2.58
CA GLU C 277 17.64 44.12 2.20
C GLU C 277 16.53 45.13 2.48
N LYS C 278 15.30 44.64 2.71
CA LYS C 278 14.13 45.50 2.92
C LYS C 278 13.46 45.35 4.28
N ALA C 279 13.42 44.12 4.81
CA ALA C 279 12.77 43.79 6.08
C ALA C 279 13.33 44.61 7.23
N TYR C 280 12.46 45.25 8.00
CA TYR C 280 12.86 45.98 9.18
C TYR C 280 12.17 45.21 10.30
N ILE C 281 12.96 44.34 10.97
CA ILE C 281 12.45 43.36 11.97
C ILE C 281 11.53 43.98 13.05
N PRO C 282 11.90 45.10 13.73
CA PRO C 282 10.97 45.62 14.77
C PRO C 282 9.58 45.97 14.26
N GLU C 283 9.46 46.64 13.08
CA GLU C 283 8.13 46.97 12.55
C GLU C 283 7.36 45.72 12.15
N LEU C 284 8.05 44.72 11.55
CA LEU C 284 7.43 43.46 11.12
C LEU C 284 6.91 42.68 12.32
N GLN C 285 7.72 42.60 13.39
CA GLN C 285 7.31 41.93 14.61
C GLN C 285 6.15 42.63 15.30
N ILE C 286 6.20 43.98 15.36
CA ILE C 286 5.09 44.74 15.96
C ILE C 286 3.78 44.49 15.16
N SER C 287 3.86 44.53 13.82
CA SER C 287 2.68 44.28 12.97
C SER C 287 2.15 42.87 13.18
N PHE C 288 3.04 41.87 13.26
CA PHE C 288 2.63 40.47 13.49
C PHE C 288 1.90 40.35 14.82
N MET C 289 2.49 40.96 15.87
N MET C 289 2.46 40.95 15.86
CA MET C 289 1.95 40.93 17.23
CA MET C 289 1.88 40.83 17.19
C MET C 289 0.61 41.63 17.32
C MET C 289 0.59 41.63 17.34
N GLU C 290 0.52 42.86 16.81
CA GLU C 290 -0.69 43.67 16.89
C GLU C 290 -1.83 43.16 15.99
N HIS C 291 -1.53 42.71 14.76
CA HIS C 291 -2.59 42.36 13.82
C HIS C 291 -2.88 40.89 13.65
N ILE C 292 -1.99 40.02 14.11
CA ILE C 292 -2.20 38.58 13.95
C ILE C 292 -2.25 37.86 15.29
N ALA C 293 -1.18 37.99 16.10
CA ALA C 293 -1.10 37.24 17.36
C ALA C 293 -2.04 37.76 18.44
N MET C 294 -2.04 39.06 18.71
CA MET C 294 -2.92 39.63 19.75
C MET C 294 -4.39 39.32 19.50
N PRO C 295 -4.98 39.45 18.28
CA PRO C 295 -6.40 39.09 18.10
C PRO C 295 -6.73 37.64 18.43
N ILE C 296 -5.77 36.71 18.19
CA ILE C 296 -5.96 35.30 18.55
C ILE C 296 -6.04 35.15 20.07
N TYR C 297 -5.07 35.71 20.81
CA TYR C 297 -5.06 35.57 22.27
C TYR C 297 -6.17 36.40 22.92
N LYS C 298 -6.68 37.45 22.21
CA LYS C 298 -7.81 38.22 22.74
C LYS C 298 -9.08 37.34 22.62
N LEU C 299 -9.28 36.65 21.47
CA LEU C 299 -10.42 35.73 21.31
C LEU C 299 -10.32 34.60 22.34
N LEU C 300 -9.08 34.10 22.59
CA LEU C 300 -8.83 33.06 23.59
C LEU C 300 -9.28 33.52 24.98
N GLN C 301 -8.92 34.77 25.35
CA GLN C 301 -9.27 35.42 26.62
C GLN C 301 -10.80 35.60 26.73
N ASP C 302 -11.45 35.93 25.60
CA ASP C 302 -12.90 36.13 25.53
C ASP C 302 -13.63 34.86 25.93
N LEU C 303 -13.19 33.72 25.35
CA LEU C 303 -13.77 32.41 25.63
C LEU C 303 -13.31 31.84 26.97
N PHE C 304 -12.05 32.11 27.39
CA PHE C 304 -11.48 31.58 28.62
C PHE C 304 -10.85 32.69 29.46
N PRO C 305 -11.57 33.26 30.46
CA PRO C 305 -10.96 34.33 31.28
C PRO C 305 -9.60 34.00 31.89
N LYS C 306 -9.33 32.70 32.19
CA LYS C 306 -8.02 32.27 32.73
C LYS C 306 -6.87 32.44 31.70
N ALA C 307 -7.21 32.69 30.42
CA ALA C 307 -6.19 32.92 29.38
C ALA C 307 -5.77 34.39 29.27
N ALA C 308 -6.29 35.28 30.15
CA ALA C 308 -5.96 36.69 30.16
C ALA C 308 -4.45 36.97 30.25
N GLU C 309 -3.73 36.22 31.11
CA GLU C 309 -2.28 36.40 31.27
C GLU C 309 -1.47 36.18 29.97
N LEU C 310 -1.99 35.33 29.05
CA LEU C 310 -1.35 35.02 27.77
C LEU C 310 -1.43 36.22 26.86
N TYR C 311 -2.64 36.81 26.72
CA TYR C 311 -2.86 38.00 25.91
C TYR C 311 -1.99 39.15 26.46
N GLU C 312 -1.95 39.32 27.80
CA GLU C 312 -1.15 40.37 28.46
C GLU C 312 0.34 40.24 28.11
N ARG C 313 0.89 39.00 28.14
CA ARG C 313 2.30 38.74 27.81
C ARG C 313 2.61 39.07 26.34
N VAL C 314 1.70 38.67 25.42
CA VAL C 314 1.85 38.97 24.00
C VAL C 314 1.88 40.52 23.83
N ALA C 315 0.93 41.23 24.46
CA ALA C 315 0.87 42.70 24.42
C ALA C 315 2.17 43.33 25.00
N SER C 316 2.69 42.73 26.10
CA SER C 316 3.91 43.19 26.79
C SER C 316 5.15 43.02 25.88
N ASN C 317 5.20 41.88 25.16
CA ASN C 317 6.31 41.61 24.25
C ASN C 317 6.26 42.56 23.07
N ARG C 318 5.05 42.92 22.59
CA ARG C 318 4.87 43.88 21.51
C ARG C 318 5.39 45.24 21.94
N GLU C 319 5.10 45.66 23.20
CA GLU C 319 5.58 46.93 23.75
C GLU C 319 7.11 46.96 23.85
N HIS C 320 7.73 45.82 24.20
CA HIS C 320 9.19 45.70 24.27
C HIS C 320 9.86 45.93 22.90
N TRP C 321 9.21 45.49 21.80
CA TRP C 321 9.74 45.74 20.45
C TRP C 321 9.84 47.25 20.17
N THR C 322 8.83 48.05 20.62
CA THR C 322 8.83 49.49 20.46
C THR C 322 9.99 50.08 21.28
N LYS C 323 10.22 49.53 22.48
CA LYS C 323 11.26 50.02 23.41
C LYS C 323 12.68 49.81 22.89
N VAL C 324 12.94 48.70 22.16
CA VAL C 324 14.29 48.39 21.66
C VAL C 324 14.50 48.73 20.16
N SER C 325 13.47 49.24 19.47
CA SER C 325 13.53 49.60 18.05
C SER C 325 14.73 50.52 17.72
N HIS C 326 15.00 51.50 18.60
CA HIS C 326 16.09 52.46 18.44
C HIS C 326 17.49 51.79 18.29
N LYS C 327 17.66 50.57 18.86
CA LYS C 327 18.92 49.82 18.80
C LYS C 327 19.27 49.34 17.38
N PHE C 328 18.27 49.29 16.46
CA PHE C 328 18.47 48.91 15.08
C PHE C 328 19.13 50.06 14.29
N THR C 329 19.41 51.20 14.92
CA THR C 329 20.12 52.31 14.27
C THR C 329 21.58 52.22 14.73
N ILE C 330 22.47 52.04 13.74
CA ILE C 330 23.92 51.88 13.83
C ILE C 330 24.59 53.11 14.41
N ARG C 331 25.16 52.94 15.59
CA ARG C 331 25.99 53.93 16.26
C ARG C 331 27.44 53.50 16.01
N GLY C 332 28.30 54.48 15.76
CA GLY C 332 29.69 54.24 15.38
C GLY C 332 29.74 53.62 13.99
N LEU C 333 30.72 52.75 13.77
CA LEU C 333 30.89 52.09 12.49
C LEU C 333 30.31 50.68 12.50
N PRO C 334 29.96 50.10 11.32
CA PRO C 334 29.53 48.69 11.30
C PRO C 334 30.68 47.77 11.75
N SER C 335 30.38 46.49 12.09
CA SER C 335 31.38 45.53 12.58
C SER C 335 32.67 45.44 11.75
N ASN C 336 32.55 45.47 10.41
CA ASN C 336 33.68 45.41 9.48
C ASN C 336 34.46 46.73 9.32
N ASN C 337 34.11 47.79 10.10
CA ASN C 337 34.71 49.15 10.05
C ASN C 337 34.59 49.79 8.67
N SER C 338 33.60 49.34 7.88
CA SER C 338 33.45 49.83 6.52
C SER C 338 32.19 50.62 6.30
N LEU C 339 32.30 51.72 5.55
CA LEU C 339 31.15 52.52 5.14
C LEU C 339 30.82 52.15 3.67
N ASP C 340 31.43 51.04 3.14
CA ASP C 340 31.20 50.47 1.80
C ASP C 340 29.76 49.94 1.71
N PHE C 341 28.80 50.87 1.67
CA PHE C 341 27.35 50.77 1.49
C PHE C 341 26.97 52.22 1.16
N LEU C 342 27.59 52.68 0.04
CA LEU C 342 27.55 54.00 -0.60
C LEU C 342 26.26 54.77 -0.42
#